data_5V8W
#
_entry.id   5V8W
#
_cell.length_a   63.010
_cell.length_b   67.780
_cell.length_c   98.585
_cell.angle_alpha   90.00
_cell.angle_beta   100.65
_cell.angle_gamma   90.00
#
_symmetry.space_group_name_H-M   'P 1 21 1'
#
loop_
_entity.id
_entity.type
_entity.pdbx_description
1 polymer 'Integrator complex subunit 9'
2 polymer 'Integrator complex subunit 11'
3 water water
#
loop_
_entity_poly.entity_id
_entity_poly.type
_entity_poly.pdbx_seq_one_letter_code
_entity_poly.pdbx_strand_id
1 'polypeptide(L)' MKPLLSGSIPVEQFVQTLEKHGFSDIKVEDTAKGHIVLLQEAETLIQIEEDSTHIICDNDEMLRVRLRDLVLKFLQKF A,C,E,G
2 'polypeptide(L)'
;GSHMRLVSSEQALKELGLAEHQLRFTCRVHLHDTRKEQETALRVYSHLKSVLKDHCVQHLPDGSVTVESVLLQAAAPSED
PGTKVLLVSWTYQDEELGSFLTSLLKKGLPQAPS
;
B,D,F,H
#
# COMPACT_ATOMS: atom_id res chain seq x y z
N LYS A 2 23.79 -35.65 6.31
CA LYS A 2 23.25 -36.43 5.20
C LYS A 2 23.58 -35.82 3.83
N PRO A 3 23.67 -36.67 2.79
CA PRO A 3 23.96 -36.17 1.44
C PRO A 3 22.74 -35.59 0.72
N LEU A 4 22.98 -34.65 -0.18
CA LEU A 4 21.98 -34.26 -1.16
C LEU A 4 21.64 -35.45 -2.05
N LEU A 5 20.38 -35.50 -2.52
CA LEU A 5 19.85 -36.59 -3.34
C LEU A 5 19.43 -36.02 -4.69
N SER A 6 19.53 -36.82 -5.75
CA SER A 6 18.88 -36.47 -7.01
C SER A 6 18.51 -37.74 -7.77
N GLY A 7 17.61 -37.59 -8.73
CA GLY A 7 17.21 -38.71 -9.55
C GLY A 7 15.71 -38.91 -9.50
N SER A 8 15.28 -40.03 -10.04
CA SER A 8 13.87 -40.28 -10.28
C SER A 8 13.53 -41.65 -9.72
N ILE A 9 12.27 -41.83 -9.32
CA ILE A 9 11.82 -43.14 -8.89
C ILE A 9 10.81 -43.66 -9.90
N PRO A 10 11.19 -44.64 -10.71
CA PRO A 10 10.22 -45.20 -11.67
C PRO A 10 9.23 -46.09 -10.90
N VAL A 11 7.94 -45.80 -11.03
CA VAL A 11 6.95 -46.43 -10.16
C VAL A 11 6.83 -47.96 -10.35
N GLU A 12 6.92 -48.46 -11.59
CA GLU A 12 6.91 -49.90 -11.87
C GLU A 12 8.04 -50.61 -11.15
N GLN A 13 9.24 -50.04 -11.27
CA GLN A 13 10.40 -50.63 -10.66
C GLN A 13 10.30 -50.54 -9.13
N PHE A 14 9.78 -49.44 -8.65
CA PHE A 14 9.69 -49.27 -7.21
C PHE A 14 8.78 -50.36 -6.63
N VAL A 15 7.64 -50.56 -7.29
CA VAL A 15 6.65 -51.55 -6.85
C VAL A 15 7.27 -52.95 -6.89
N GLN A 16 7.94 -53.24 -8.00
CA GLN A 16 8.61 -54.52 -8.10
C GLN A 16 9.59 -54.76 -6.95
N THR A 17 10.35 -53.74 -6.57
CA THR A 17 11.28 -53.92 -5.46
C THR A 17 10.55 -54.01 -4.09
N LEU A 18 9.40 -53.39 -4.00
CA LEU A 18 8.59 -53.53 -2.80
C LEU A 18 8.16 -55.01 -2.69
N GLU A 19 7.79 -55.60 -3.80
CA GLU A 19 7.38 -56.98 -3.77
C GLU A 19 8.56 -57.88 -3.39
N LYS A 20 9.74 -57.56 -3.91
CA LYS A 20 10.93 -58.35 -3.65
C LYS A 20 11.24 -58.35 -2.16
N HIS A 21 10.87 -57.25 -1.51
CA HIS A 21 11.13 -57.08 -0.11
C HIS A 21 9.92 -57.43 0.80
N GLY A 22 8.99 -58.21 0.29
CA GLY A 22 7.98 -58.84 1.17
C GLY A 22 6.65 -58.08 1.29
N PHE A 23 6.52 -56.96 0.57
CA PHE A 23 5.25 -56.25 0.50
C PHE A 23 4.34 -56.86 -0.57
N SER A 24 3.06 -56.99 -0.27
CA SER A 24 2.09 -57.51 -1.24
C SER A 24 0.82 -56.64 -1.18
N ASP A 25 -0.08 -56.79 -2.16
CA ASP A 25 -1.33 -56.03 -2.24
C ASP A 25 -1.08 -54.54 -2.44
N ILE A 26 0.02 -54.23 -3.10
CA ILE A 26 0.41 -52.85 -3.35
C ILE A 26 -0.57 -52.20 -4.33
N LYS A 27 -1.04 -51.00 -4.01
CA LYS A 27 -1.93 -50.30 -4.94
C LYS A 27 -1.30 -48.99 -5.41
N VAL A 28 -1.55 -48.62 -6.65
CA VAL A 28 -0.93 -47.46 -7.25
C VAL A 28 -1.99 -46.57 -7.90
N GLU A 29 -2.08 -45.32 -7.46
CA GLU A 29 -2.91 -44.29 -8.10
C GLU A 29 -2.08 -43.44 -9.03
N ASP A 30 -2.72 -42.92 -10.07
CA ASP A 30 -2.09 -41.89 -10.88
C ASP A 30 -2.53 -40.46 -10.47
N THR A 31 -1.60 -39.52 -10.54
CA THR A 31 -1.86 -38.11 -10.32
C THR A 31 -1.53 -37.43 -11.61
N ALA A 32 -1.55 -36.11 -11.64
CA ALA A 32 -1.46 -35.40 -12.93
C ALA A 32 -0.19 -35.74 -13.72
N LYS A 33 0.94 -35.87 -13.03
CA LYS A 33 2.19 -36.26 -13.70
C LYS A 33 2.94 -37.34 -12.89
N GLY A 34 2.40 -37.69 -11.72
CA GLY A 34 3.04 -38.69 -10.88
C GLY A 34 2.11 -39.82 -10.44
N HIS A 35 2.43 -40.38 -9.30
CA HIS A 35 1.73 -41.56 -8.79
C HIS A 35 1.69 -41.51 -7.27
N ILE A 36 0.82 -42.31 -6.68
CA ILE A 36 0.84 -42.51 -5.24
C ILE A 36 0.85 -44.02 -5.03
N VAL A 37 1.79 -44.52 -4.25
CA VAL A 37 1.80 -45.94 -3.92
C VAL A 37 1.09 -46.06 -2.57
N LEU A 38 0.17 -47.02 -2.46
CA LEU A 38 -0.66 -47.19 -1.28
C LEU A 38 -0.37 -48.54 -0.65
N LEU A 39 -0.02 -48.56 0.63
CA LEU A 39 0.27 -49.82 1.35
C LEU A 39 -0.61 -49.90 2.58
N GLN A 40 -1.08 -51.09 2.89
CA GLN A 40 -1.88 -51.23 4.09
C GLN A 40 -1.03 -50.99 5.34
N GLU A 41 0.25 -51.40 5.27
CA GLU A 41 1.17 -51.27 6.41
C GLU A 41 1.32 -49.83 6.81
N ALA A 42 0.95 -49.56 8.06
CA ALA A 42 0.97 -48.23 8.64
C ALA A 42 0.19 -47.20 7.80
N GLU A 43 -0.81 -47.67 7.05
CA GLU A 43 -1.66 -46.81 6.21
C GLU A 43 -0.79 -45.82 5.47
N THR A 44 0.13 -46.37 4.66
CA THR A 44 1.19 -45.61 4.05
C THR A 44 0.84 -45.14 2.67
N LEU A 45 1.12 -43.86 2.41
CA LEU A 45 1.10 -43.30 1.05
C LEU A 45 2.56 -42.94 0.70
N ILE A 46 2.96 -43.28 -0.50
CA ILE A 46 4.23 -42.81 -1.03
C ILE A 46 3.92 -41.97 -2.29
N GLN A 47 3.99 -40.66 -2.16
CA GLN A 47 3.73 -39.75 -3.28
C GLN A 47 4.97 -39.60 -4.12
N ILE A 48 4.85 -40.00 -5.38
CA ILE A 48 5.99 -40.01 -6.31
C ILE A 48 5.77 -38.97 -7.38
N GLU A 49 6.61 -37.93 -7.33
CA GLU A 49 6.55 -36.83 -8.27
C GLU A 49 7.97 -36.50 -8.72
N GLU A 50 8.06 -35.61 -9.69
CA GLU A 50 9.36 -35.18 -10.22
C GLU A 50 10.14 -34.52 -9.10
N ASP A 51 11.36 -35.00 -8.86
CA ASP A 51 12.21 -34.47 -7.80
C ASP A 51 11.58 -34.43 -6.42
N SER A 52 10.52 -35.22 -6.20
CA SER A 52 9.85 -35.19 -4.90
C SER A 52 9.24 -36.54 -4.50
N THR A 53 9.72 -37.11 -3.42
CA THR A 53 9.11 -38.32 -2.91
C THR A 53 8.66 -38.04 -1.48
N HIS A 54 7.42 -38.36 -1.16
CA HIS A 54 6.92 -38.03 0.18
C HIS A 54 6.26 -39.27 0.76
N ILE A 55 6.88 -39.78 1.83
CA ILE A 55 6.36 -40.94 2.52
C ILE A 55 5.54 -40.47 3.73
N ILE A 56 4.27 -40.84 3.72
CA ILE A 56 3.32 -40.49 4.79
C ILE A 56 2.86 -41.81 5.41
N CYS A 57 3.17 -42.03 6.69
CA CYS A 57 2.77 -43.25 7.36
C CYS A 57 2.54 -43.08 8.85
N ASP A 58 1.89 -44.08 9.45
CA ASP A 58 1.69 -44.11 10.89
C ASP A 58 3.09 -44.31 11.53
N ASN A 59 3.16 -44.18 12.85
CA ASN A 59 4.45 -44.22 13.55
C ASN A 59 4.99 -45.68 13.68
N ASP A 60 5.40 -46.24 12.57
CA ASP A 60 5.93 -47.58 12.51
C ASP A 60 7.35 -47.42 11.99
N GLU A 61 8.30 -47.29 12.89
CA GLU A 61 9.64 -46.88 12.50
C GLU A 61 10.35 -47.91 11.63
N MET A 62 10.07 -49.19 11.87
CA MET A 62 10.69 -50.25 11.09
C MET A 62 10.17 -50.27 9.66
N LEU A 63 8.87 -50.05 9.50
CA LEU A 63 8.27 -49.87 8.18
C LEU A 63 8.86 -48.63 7.46
N ARG A 64 8.90 -47.50 8.16
CA ARG A 64 9.40 -46.25 7.56
C ARG A 64 10.85 -46.44 7.08
N VAL A 65 11.67 -47.10 7.90
CA VAL A 65 13.09 -47.30 7.57
C VAL A 65 13.20 -48.18 6.33
N ARG A 66 12.35 -49.19 6.26
CA ARG A 66 12.36 -50.09 5.09
C ARG A 66 12.07 -49.32 3.81
N LEU A 67 11.04 -48.47 3.83
CA LEU A 67 10.68 -47.68 2.65
C LEU A 67 11.77 -46.66 2.34
N ARG A 68 12.26 -46.00 3.38
CA ARG A 68 13.35 -45.04 3.24
C ARG A 68 14.49 -45.69 2.47
N ASP A 69 14.89 -46.89 2.89
CA ASP A 69 16.06 -47.54 2.28
C ASP A 69 15.80 -47.89 0.81
N LEU A 70 14.60 -48.33 0.49
CA LEU A 70 14.36 -48.74 -0.90
C LEU A 70 14.28 -47.50 -1.79
N VAL A 71 13.69 -46.43 -1.29
CA VAL A 71 13.65 -45.19 -2.07
C VAL A 71 15.09 -44.69 -2.35
N LEU A 72 15.94 -44.70 -1.33
CA LEU A 72 17.33 -44.24 -1.46
C LEU A 72 18.15 -45.03 -2.50
N LYS A 73 17.83 -46.32 -2.66
CA LYS A 73 18.53 -47.14 -3.67
C LYS A 73 18.22 -46.73 -5.11
N PHE A 74 17.18 -45.93 -5.33
CA PHE A 74 16.90 -45.41 -6.66
C PHE A 74 17.50 -44.04 -6.89
N LEU A 75 18.07 -43.44 -5.86
CA LEU A 75 18.60 -42.09 -5.97
C LEU A 75 20.14 -42.03 -5.90
N GLN A 76 20.72 -41.01 -6.52
CA GLN A 76 22.15 -40.72 -6.38
C GLN A 76 22.44 -39.80 -5.16
N LYS A 77 23.56 -40.05 -4.47
CA LYS A 77 23.91 -39.33 -3.24
C LYS A 77 25.07 -38.37 -3.43
N PHE A 78 24.82 -37.07 -3.23
CA PHE A 78 25.89 -36.06 -3.36
C PHE A 78 26.29 -35.44 -2.01
N VAL B 7 35.25 -30.16 -4.85
CA VAL B 7 33.94 -29.63 -5.21
C VAL B 7 32.97 -29.86 -4.04
N SER B 8 31.98 -28.96 -3.88
CA SER B 8 30.95 -29.14 -2.85
C SER B 8 29.77 -29.98 -3.38
N SER B 9 28.73 -30.17 -2.56
CA SER B 9 27.58 -31.02 -2.95
C SER B 9 26.60 -30.32 -3.91
N GLU B 10 26.40 -29.01 -3.76
CA GLU B 10 25.51 -28.27 -4.66
C GLU B 10 26.20 -27.94 -5.97
N GLN B 11 27.50 -27.66 -5.91
CA GLN B 11 28.28 -27.44 -7.14
C GLN B 11 28.33 -28.73 -7.97
N ALA B 12 28.44 -29.88 -7.30
CA ALA B 12 28.52 -31.17 -8.00
C ALA B 12 27.16 -31.57 -8.59
N LEU B 13 26.08 -30.99 -8.04
CA LEU B 13 24.75 -31.15 -8.62
C LEU B 13 24.59 -30.23 -9.83
N LYS B 14 24.89 -28.96 -9.63
CA LYS B 14 24.75 -27.94 -10.70
C LYS B 14 25.64 -28.22 -11.91
N GLU B 15 26.83 -28.79 -11.68
CA GLU B 15 27.79 -29.13 -12.76
C GLU B 15 27.30 -30.27 -13.67
N LEU B 16 26.27 -31.00 -13.23
CA LEU B 16 25.70 -32.12 -14.00
C LEU B 16 24.31 -31.80 -14.52
N GLY B 17 23.89 -30.55 -14.36
CA GLY B 17 22.55 -30.13 -14.74
C GLY B 17 21.40 -30.69 -13.90
N LEU B 18 21.70 -31.37 -12.80
CA LEU B 18 20.65 -32.06 -12.02
C LEU B 18 19.96 -31.18 -10.97
N ALA B 19 18.70 -31.49 -10.70
CA ALA B 19 17.93 -30.84 -9.64
C ALA B 19 18.01 -31.68 -8.40
N GLU B 20 17.83 -31.05 -7.25
CA GLU B 20 17.82 -31.80 -6.03
C GLU B 20 16.50 -32.57 -5.92
N HIS B 21 16.57 -33.80 -5.40
CA HIS B 21 15.39 -34.61 -5.11
C HIS B 21 15.07 -34.41 -3.65
N GLN B 22 13.84 -33.93 -3.35
CA GLN B 22 13.42 -33.78 -1.96
C GLN B 22 12.80 -35.09 -1.49
N LEU B 23 13.41 -35.72 -0.49
CA LEU B 23 12.79 -36.88 0.16
C LEU B 23 12.20 -36.46 1.50
N ARG B 24 10.89 -36.59 1.60
CA ARG B 24 10.16 -36.06 2.75
C ARG B 24 9.39 -37.17 3.46
N PHE B 25 9.32 -37.06 4.78
CA PHE B 25 8.61 -37.97 5.65
C PHE B 25 7.58 -37.17 6.43
N THR B 26 6.37 -37.73 6.57
CA THR B 26 5.37 -37.22 7.50
C THR B 26 4.86 -38.40 8.26
N CYS B 27 5.12 -38.41 9.56
CA CYS B 27 4.70 -39.49 10.43
C CYS B 27 3.48 -39.06 11.26
N ARG B 28 2.41 -39.86 11.24
CA ARG B 28 1.18 -39.58 12.03
C ARG B 28 1.35 -40.10 13.47
N VAL B 29 1.78 -39.25 14.39
CA VAL B 29 2.00 -39.69 15.75
C VAL B 29 0.66 -39.55 16.53
N HIS B 30 0.26 -40.60 17.20
CA HIS B 30 -0.96 -40.56 18.02
C HIS B 30 -0.64 -40.31 19.50
N LEU B 31 -1.32 -39.34 20.09
CA LEU B 31 -1.16 -39.07 21.51
C LEU B 31 -2.52 -39.05 22.18
N HIS B 32 -2.61 -39.64 23.36
CA HIS B 32 -3.83 -39.56 24.11
C HIS B 32 -3.82 -38.30 24.95
N ASP B 33 -4.78 -37.43 24.71
CA ASP B 33 -4.94 -36.22 25.51
C ASP B 33 -6.38 -35.79 25.40
N THR B 34 -7.03 -35.53 26.52
CA THR B 34 -8.39 -35.04 26.46
C THR B 34 -8.48 -33.51 26.52
N ARG B 35 -7.35 -32.85 26.70
CA ARG B 35 -7.28 -31.39 26.58
C ARG B 35 -7.53 -30.93 25.15
N LYS B 36 -7.73 -29.62 24.94
CA LYS B 36 -7.85 -29.08 23.60
C LYS B 36 -6.53 -29.27 22.89
N GLU B 37 -6.55 -29.49 21.56
CA GLU B 37 -5.32 -29.79 20.84
C GLU B 37 -4.20 -28.77 21.04
N GLN B 38 -4.59 -27.51 21.23
CA GLN B 38 -3.63 -26.43 21.46
C GLN B 38 -2.88 -26.65 22.77
N GLU B 39 -3.56 -27.19 23.78
CA GLU B 39 -2.91 -27.53 25.05
C GLU B 39 -1.90 -28.65 24.84
N THR B 40 -2.34 -29.67 24.10
CA THR B 40 -1.49 -30.77 23.68
C THR B 40 -0.21 -30.31 22.99
N ALA B 41 -0.36 -29.44 22.00
CA ALA B 41 0.78 -28.86 21.29
C ALA B 41 1.71 -28.10 22.27
N LEU B 42 1.13 -27.42 23.25
CA LEU B 42 1.97 -26.73 24.23
C LEU B 42 2.76 -27.75 25.06
N ARG B 43 2.08 -28.81 25.53
CA ARG B 43 2.74 -29.87 26.30
C ARG B 43 3.84 -30.48 25.46
N VAL B 44 3.61 -30.65 24.17
CA VAL B 44 4.63 -31.24 23.32
C VAL B 44 5.83 -30.28 23.27
N TYR B 45 5.55 -29.00 23.03
CA TYR B 45 6.60 -28.00 22.96
C TYR B 45 7.45 -27.97 24.24
N SER B 46 6.81 -27.92 25.41
CA SER B 46 7.54 -27.86 26.69
C SER B 46 8.42 -29.09 26.91
N HIS B 47 7.89 -30.26 26.55
CA HIS B 47 8.64 -31.51 26.69
C HIS B 47 9.88 -31.50 25.79
N LEU B 48 9.69 -31.14 24.53
CA LEU B 48 10.83 -31.17 23.60
C LEU B 48 11.86 -30.08 23.94
N LYS B 49 11.39 -28.94 24.43
CA LYS B 49 12.30 -27.86 24.80
C LYS B 49 13.16 -28.29 26.00
N SER B 50 12.62 -29.15 26.85
CA SER B 50 13.33 -29.65 28.03
C SER B 50 14.30 -30.80 27.70
N VAL B 51 13.83 -31.71 26.85
CA VAL B 51 14.64 -32.84 26.42
C VAL B 51 15.73 -32.44 25.41
N LEU B 52 15.44 -31.50 24.52
CA LEU B 52 16.43 -31.17 23.52
C LEU B 52 17.00 -29.80 23.74
N LYS B 53 17.76 -29.63 24.82
CA LYS B 53 18.10 -28.29 25.25
C LYS B 53 19.12 -27.66 24.33
N ASP B 54 19.87 -28.50 23.63
CA ASP B 54 20.95 -28.07 22.72
C ASP B 54 20.39 -27.65 21.34
N HIS B 55 19.11 -27.88 21.13
CA HIS B 55 18.54 -27.67 19.81
C HIS B 55 17.69 -26.41 19.74
N CYS B 56 17.48 -25.92 18.53
CA CYS B 56 16.50 -24.87 18.27
C CYS B 56 15.13 -25.52 18.36
N VAL B 57 14.36 -25.11 19.34
CA VAL B 57 12.99 -25.63 19.49
C VAL B 57 12.04 -24.46 19.58
N GLN B 58 11.00 -24.45 18.75
CA GLN B 58 10.10 -23.29 18.72
C GLN B 58 8.64 -23.66 18.87
N HIS B 59 7.87 -22.71 19.38
CA HIS B 59 6.41 -22.77 19.37
C HIS B 59 5.93 -21.60 18.52
N LEU B 60 5.42 -21.89 17.33
CA LEU B 60 5.13 -20.89 16.32
C LEU B 60 3.75 -20.26 16.59
N PRO B 61 3.46 -19.06 16.04
CA PRO B 61 2.23 -18.35 16.35
C PRO B 61 0.97 -19.09 15.92
N ASP B 62 1.07 -20.08 15.03
CA ASP B 62 -0.10 -20.87 14.62
C ASP B 62 -0.26 -22.10 15.52
N GLY B 63 0.62 -22.26 16.51
CA GLY B 63 0.50 -23.35 17.48
C GLY B 63 1.29 -24.59 17.10
N SER B 64 1.92 -24.55 15.92
CA SER B 64 2.75 -25.66 15.49
C SER B 64 4.09 -25.60 16.25
N VAL B 65 4.83 -26.71 16.27
CA VAL B 65 6.09 -26.83 17.00
C VAL B 65 7.22 -27.24 16.05
N THR B 66 8.43 -26.74 16.24
CA THR B 66 9.52 -27.18 15.38
C THR B 66 10.73 -27.51 16.20
N VAL B 67 11.53 -28.43 15.69
CA VAL B 67 12.81 -28.76 16.30
C VAL B 67 13.80 -28.73 15.16
N GLU B 68 14.75 -27.80 15.20
CA GLU B 68 15.46 -27.42 13.95
C GLU B 68 14.44 -27.31 12.80
N SER B 69 14.57 -28.11 11.75
CA SER B 69 13.67 -27.98 10.64
C SER B 69 12.63 -29.09 10.56
N VAL B 70 12.44 -29.81 11.67
CA VAL B 70 11.40 -30.82 11.76
C VAL B 70 10.15 -30.10 12.24
N LEU B 71 9.04 -30.31 11.55
CA LEU B 71 7.78 -29.60 11.82
C LEU B 71 6.79 -30.54 12.49
N LEU B 72 6.18 -30.10 13.58
CA LEU B 72 5.18 -30.91 14.30
C LEU B 72 3.86 -30.11 14.35
N GLN B 73 2.81 -30.64 13.72
CA GLN B 73 1.52 -29.95 13.66
C GLN B 73 0.36 -30.82 14.08
N ALA B 74 -0.65 -30.21 14.67
CA ALA B 74 -1.95 -30.84 14.82
C ALA B 74 -2.53 -31.30 13.48
N ALA B 75 -3.05 -32.51 13.44
CA ALA B 75 -3.94 -32.88 12.36
C ALA B 75 -5.29 -32.22 12.65
N ALA B 76 -6.24 -32.35 11.73
CA ALA B 76 -7.62 -31.90 11.95
C ALA B 76 -8.28 -32.75 13.04
N PRO B 77 -8.95 -32.10 14.02
CA PRO B 77 -9.52 -32.80 15.17
C PRO B 77 -10.24 -34.05 14.73
N SER B 78 -10.03 -35.16 15.41
CA SER B 78 -10.65 -36.43 15.01
C SER B 78 -12.17 -36.35 15.03
N ASP B 80 -12.70 -38.80 17.15
CA ASP B 80 -12.52 -39.14 18.56
C ASP B 80 -11.83 -38.04 19.35
N PRO B 81 -12.47 -37.64 20.48
CA PRO B 81 -12.08 -36.50 21.31
C PRO B 81 -10.84 -36.70 22.21
N GLY B 82 -10.44 -37.94 22.47
CA GLY B 82 -9.31 -38.19 23.35
C GLY B 82 -8.00 -38.54 22.67
N THR B 83 -8.00 -38.53 21.33
CA THR B 83 -6.80 -38.88 20.56
C THR B 83 -6.33 -37.75 19.67
N LYS B 84 -5.13 -37.24 19.93
CA LYS B 84 -4.55 -36.22 19.08
C LYS B 84 -3.55 -36.82 18.13
N VAL B 85 -3.66 -36.41 16.87
CA VAL B 85 -2.66 -36.80 15.90
C VAL B 85 -1.71 -35.63 15.68
N LEU B 86 -0.43 -35.92 15.85
CA LEU B 86 0.65 -34.99 15.60
C LEU B 86 1.35 -35.44 14.34
N LEU B 87 1.24 -34.65 13.29
CA LEU B 87 1.92 -34.87 12.02
C LEU B 87 3.36 -34.37 12.14
N VAL B 88 4.30 -35.30 12.11
CA VAL B 88 5.69 -34.90 12.27
C VAL B 88 6.33 -35.00 10.91
N SER B 89 6.87 -33.90 10.42
CA SER B 89 7.37 -33.91 9.05
C SER B 89 8.80 -33.41 8.96
N TRP B 90 9.62 -34.10 8.14
CA TRP B 90 11.01 -33.67 7.93
C TRP B 90 11.48 -34.18 6.58
N THR B 91 12.52 -33.53 6.04
CA THR B 91 13.19 -34.07 4.88
C THR B 91 14.40 -34.90 5.33
N TYR B 92 14.96 -35.60 4.35
CA TYR B 92 16.07 -36.50 4.56
C TYR B 92 17.29 -35.81 5.21
N GLN B 93 17.53 -34.53 4.89
CA GLN B 93 18.56 -33.73 5.60
C GLN B 93 18.49 -33.84 7.12
N ASP B 94 17.27 -33.89 7.64
CA ASP B 94 17.07 -34.01 9.09
C ASP B 94 16.65 -35.39 9.53
N GLU B 95 16.99 -36.41 8.74
CA GLU B 95 16.53 -37.78 9.00
C GLU B 95 16.79 -38.29 10.43
N GLU B 96 17.99 -38.07 10.96
CA GLU B 96 18.29 -38.55 12.31
C GLU B 96 17.43 -37.88 13.36
N LEU B 97 17.26 -36.57 13.22
CA LEU B 97 16.46 -35.83 14.18
C LEU B 97 15.00 -36.26 14.11
N GLY B 98 14.52 -36.45 12.88
CA GLY B 98 13.14 -36.80 12.64
C GLY B 98 12.78 -38.15 13.24
N SER B 99 13.63 -39.16 13.03
CA SER B 99 13.37 -40.47 13.58
C SER B 99 13.49 -40.43 15.10
N PHE B 100 14.47 -39.69 15.60
CA PHE B 100 14.58 -39.49 17.04
C PHE B 100 13.27 -38.94 17.68
N LEU B 101 12.64 -37.97 17.03
CA LEU B 101 11.48 -37.34 17.59
C LEU B 101 10.28 -38.26 17.55
N THR B 102 10.12 -39.02 16.48
CA THR B 102 8.97 -39.91 16.40
C THR B 102 9.18 -41.06 17.38
N SER B 103 10.42 -41.49 17.51
CA SER B 103 10.70 -42.51 18.51
C SER B 103 10.40 -41.96 19.93
N LEU B 104 10.77 -40.71 20.18
CA LEU B 104 10.61 -40.14 21.52
C LEU B 104 9.13 -40.08 21.90
N LEU B 105 8.32 -39.62 20.94
CA LEU B 105 6.91 -39.40 21.23
C LEU B 105 6.15 -40.72 21.40
N LYS B 106 6.77 -41.85 21.02
CA LYS B 106 6.13 -43.16 21.29
C LYS B 106 5.96 -43.37 22.78
N LYS B 107 6.82 -42.77 23.60
CA LYS B 107 6.74 -42.92 25.06
C LYS B 107 5.80 -41.92 25.69
N GLY B 108 5.08 -41.16 24.87
CA GLY B 108 4.14 -40.19 25.41
C GLY B 108 4.75 -38.89 25.90
N LEU B 109 4.14 -38.33 26.94
CA LEU B 109 4.49 -37.02 27.44
C LEU B 109 4.57 -37.10 28.95
N PRO B 110 5.26 -36.14 29.58
CA PRO B 110 5.25 -36.05 31.04
C PRO B 110 3.83 -36.01 31.56
N GLN B 111 3.60 -36.64 32.70
CA GLN B 111 2.27 -36.73 33.28
C GLN B 111 1.56 -35.38 33.39
N LYS C 2 9.33 -9.34 27.35
CA LYS C 2 7.91 -8.92 27.20
C LYS C 2 7.09 -9.60 28.24
N PRO C 3 6.17 -8.85 28.87
CA PRO C 3 5.29 -9.45 29.87
C PRO C 3 4.29 -10.44 29.23
N LEU C 4 3.82 -11.42 30.00
CA LEU C 4 2.67 -12.21 29.56
C LEU C 4 1.41 -11.35 29.59
N LEU C 5 0.47 -11.63 28.70
CA LEU C 5 -0.77 -10.88 28.69
C LEU C 5 -1.97 -11.73 29.12
N SER C 6 -2.98 -11.07 29.63
CA SER C 6 -4.32 -11.67 29.73
C SER C 6 -5.33 -10.55 29.75
N GLY C 7 -6.60 -10.91 29.59
CA GLY C 7 -7.65 -9.92 29.65
C GLY C 7 -8.47 -9.94 28.39
N SER C 8 -9.19 -8.86 28.16
CA SER C 8 -10.08 -8.81 27.02
C SER C 8 -10.23 -7.38 26.50
N ILE C 9 -10.61 -7.28 25.23
CA ILE C 9 -10.73 -6.00 24.57
C ILE C 9 -12.19 -5.58 24.47
N PRO C 10 -12.57 -4.52 25.19
CA PRO C 10 -13.95 -3.99 25.08
C PRO C 10 -14.12 -3.28 23.73
N VAL C 11 -14.85 -3.91 22.82
CA VAL C 11 -14.89 -3.47 21.43
C VAL C 11 -15.33 -2.02 21.29
N GLU C 12 -16.39 -1.63 22.01
CA GLU C 12 -16.92 -0.28 21.89
C GLU C 12 -15.89 0.76 22.29
N GLN C 13 -15.32 0.60 23.48
CA GLN C 13 -14.33 1.56 23.94
C GLN C 13 -13.04 1.49 23.11
N PHE C 14 -12.70 0.32 22.58
CA PHE C 14 -11.53 0.19 21.70
C PHE C 14 -11.77 0.97 20.41
N VAL C 15 -12.95 0.79 19.82
CA VAL C 15 -13.29 1.51 18.61
C VAL C 15 -13.29 3.02 18.90
N GLN C 16 -13.85 3.41 20.04
CA GLN C 16 -13.88 4.82 20.41
C GLN C 16 -12.45 5.35 20.62
N THR C 17 -11.60 4.53 21.20
CA THR C 17 -10.21 4.91 21.43
C THR C 17 -9.48 5.07 20.09
N LEU C 18 -9.79 4.20 19.12
CA LEU C 18 -9.25 4.37 17.78
C LEU C 18 -9.70 5.73 17.20
N GLU C 19 -10.94 6.11 17.46
CA GLU C 19 -11.50 7.36 16.94
C GLU C 19 -10.87 8.62 17.54
N LYS C 20 -10.32 8.52 18.76
CA LYS C 20 -9.65 9.64 19.40
C LYS C 20 -8.21 9.80 18.90
N HIS C 21 -7.71 8.75 18.23
CA HIS C 21 -6.35 8.75 17.70
C HIS C 21 -6.33 8.91 16.17
N GLY C 22 -7.41 9.47 15.62
CA GLY C 22 -7.44 9.86 14.22
C GLY C 22 -7.93 8.84 13.22
N PHE C 23 -8.34 7.67 13.70
CA PHE C 23 -8.83 6.61 12.82
C PHE C 23 -10.27 6.83 12.44
N SER C 24 -10.52 6.82 11.13
CA SER C 24 -11.83 7.10 10.63
C SER C 24 -12.37 5.94 9.83
N ASP C 25 -13.67 6.01 9.53
CA ASP C 25 -14.43 4.98 8.82
C ASP C 25 -14.03 3.57 9.27
N ILE C 26 -14.19 3.36 10.56
CA ILE C 26 -13.94 2.07 11.18
C ILE C 26 -15.15 1.16 11.00
N LYS C 27 -14.95 -0.01 10.42
CA LYS C 27 -16.04 -0.96 10.24
C LYS C 27 -15.90 -2.12 11.23
N VAL C 28 -17.02 -2.60 11.77
CA VAL C 28 -17.02 -3.68 12.76
C VAL C 28 -17.96 -4.83 12.36
N GLU C 29 -17.41 -6.02 12.13
CA GLU C 29 -18.21 -7.23 11.88
C GLU C 29 -18.23 -8.03 13.15
N ASP C 30 -19.23 -8.88 13.34
CA ASP C 30 -19.18 -9.76 14.51
C ASP C 30 -19.87 -11.12 14.34
N THR C 31 -19.04 -12.15 14.26
CA THR C 31 -19.48 -13.52 14.44
C THR C 31 -19.86 -13.74 15.91
N ALA C 32 -20.55 -14.82 16.23
CA ALA C 32 -20.77 -15.17 17.64
C ALA C 32 -19.45 -15.65 18.23
N LYS C 33 -18.46 -15.82 17.36
CA LYS C 33 -17.10 -16.18 17.76
C LYS C 33 -16.35 -14.97 18.33
N GLY C 34 -16.71 -13.78 17.84
CA GLY C 34 -16.19 -12.55 18.40
C GLY C 34 -16.38 -11.34 17.51
N HIS C 35 -15.38 -10.47 17.48
CA HIS C 35 -15.44 -9.25 16.67
C HIS C 35 -14.26 -9.05 15.70
N ILE C 36 -14.54 -8.41 14.58
CA ILE C 36 -13.49 -8.03 13.66
C ILE C 36 -13.59 -6.55 13.37
N VAL C 37 -12.57 -5.80 13.78
CA VAL C 37 -12.51 -4.39 13.46
C VAL C 37 -11.74 -4.19 12.15
N LEU C 38 -12.39 -3.55 11.18
CA LEU C 38 -11.76 -3.27 9.88
C LEU C 38 -11.39 -1.80 9.76
N LEU C 39 -10.12 -1.55 9.49
CA LEU C 39 -9.67 -0.21 9.15
C LEU C 39 -9.35 -0.18 7.65
N GLN C 40 -9.22 1.01 7.06
CA GLN C 40 -8.89 1.04 5.64
C GLN C 40 -7.39 1.25 5.41
N GLU C 41 -6.67 1.65 6.46
CA GLU C 41 -5.22 1.87 6.36
C GLU C 41 -4.44 0.57 6.37
N ALA C 42 -3.60 0.38 5.35
CA ALA C 42 -2.84 -0.85 5.14
C ALA C 42 -3.75 -2.09 5.23
N GLU C 43 -5.02 -1.91 4.85
CA GLU C 43 -6.02 -2.98 4.82
C GLU C 43 -5.96 -3.80 6.10
N THR C 44 -6.31 -3.18 7.21
CA THR C 44 -6.04 -3.77 8.51
C THR C 44 -7.28 -4.44 9.15
N LEU C 45 -7.09 -5.67 9.62
CA LEU C 45 -8.11 -6.42 10.34
C LEU C 45 -7.62 -6.67 11.75
N ILE C 46 -8.39 -6.26 12.74
CA ILE C 46 -8.12 -6.64 14.12
C ILE C 46 -9.17 -7.64 14.55
N GLN C 47 -8.73 -8.90 14.63
CA GLN C 47 -9.62 -9.97 15.02
C GLN C 47 -9.60 -10.12 16.54
N ILE C 48 -10.75 -9.82 17.14
CA ILE C 48 -10.90 -9.84 18.57
C ILE C 48 -11.70 -11.08 18.98
N GLU C 49 -10.98 -12.10 19.48
CA GLU C 49 -11.58 -13.36 19.96
C GLU C 49 -11.21 -13.61 21.40
N GLU C 50 -11.82 -14.64 21.98
CA GLU C 50 -11.53 -15.05 23.33
C GLU C 50 -10.05 -15.31 23.49
N ASP C 51 -9.39 -14.46 24.28
CA ASP C 51 -7.96 -14.59 24.63
C ASP C 51 -7.05 -14.52 23.44
N SER C 52 -7.44 -13.71 22.46
CA SER C 52 -6.72 -13.66 21.20
C SER C 52 -7.06 -12.42 20.42
N THR C 53 -6.03 -11.61 20.19
CA THR C 53 -6.12 -10.46 19.32
C THR C 53 -5.11 -10.70 18.22
N HIS C 54 -5.59 -10.77 16.99
CA HIS C 54 -4.73 -10.97 15.85
C HIS C 54 -4.83 -9.73 14.98
N ILE C 55 -3.75 -8.97 14.91
CA ILE C 55 -3.70 -7.80 14.03
C ILE C 55 -3.05 -8.22 12.72
N ILE C 56 -3.76 -8.06 11.62
CA ILE C 56 -3.26 -8.44 10.32
C ILE C 56 -3.24 -7.19 9.46
N CYS C 57 -2.07 -6.75 9.01
CA CYS C 57 -2.00 -5.56 8.17
C CYS C 57 -0.91 -5.60 7.10
N ASP C 58 -0.90 -4.64 6.20
CA ASP C 58 0.17 -4.54 5.22
C ASP C 58 1.43 -4.03 5.92
N ASN C 59 2.56 -4.01 5.22
CA ASN C 59 3.81 -3.56 5.84
C ASN C 59 3.77 -2.04 6.08
N ASP C 60 3.31 -1.65 7.27
CA ASP C 60 3.08 -0.27 7.66
C ASP C 60 3.34 -0.19 9.16
N GLU C 61 4.61 -0.06 9.50
CA GLU C 61 5.04 -0.35 10.83
C GLU C 61 4.54 0.75 11.77
N MET C 62 4.50 1.99 11.30
CA MET C 62 3.98 3.10 12.08
C MET C 62 2.53 2.83 12.51
N LEU C 63 1.73 2.30 11.59
CA LEU C 63 0.36 1.96 11.91
C LEU C 63 0.30 0.81 12.93
N ARG C 64 1.00 -0.29 12.63
CA ARG C 64 0.97 -1.47 13.48
C ARG C 64 1.39 -1.21 14.93
N VAL C 65 2.40 -0.37 15.10
CA VAL C 65 2.88 0.01 16.42
C VAL C 65 1.79 0.77 17.21
N ARG C 66 1.13 1.72 16.55
CA ARG C 66 0.04 2.43 17.21
C ARG C 66 -1.07 1.44 17.63
N LEU C 67 -1.43 0.50 16.77
CA LEU C 67 -2.44 -0.52 17.10
C LEU C 67 -1.99 -1.42 18.24
N ARG C 68 -0.71 -1.77 18.23
CA ARG C 68 -0.14 -2.63 19.25
C ARG C 68 -0.32 -1.98 20.63
N ASP C 69 0.02 -0.71 20.73
CA ASP C 69 -0.04 -0.01 22.00
C ASP C 69 -1.48 0.15 22.48
N LEU C 70 -2.39 0.43 21.55
CA LEU C 70 -3.79 0.67 21.89
C LEU C 70 -4.44 -0.64 22.35
N VAL C 71 -4.00 -1.76 21.80
CA VAL C 71 -4.48 -3.06 22.29
C VAL C 71 -3.91 -3.35 23.68
N LEU C 72 -2.60 -3.17 23.82
CA LEU C 72 -1.90 -3.45 25.07
C LEU C 72 -2.54 -2.72 26.26
N LYS C 73 -2.97 -1.50 26.03
CA LYS C 73 -3.59 -0.67 27.06
C LYS C 73 -4.84 -1.32 27.68
N PHE C 74 -5.51 -2.20 26.93
CA PHE C 74 -6.72 -2.84 27.45
C PHE C 74 -6.49 -4.15 28.20
N LEU C 75 -5.26 -4.65 28.12
CA LEU C 75 -4.93 -5.95 28.66
C LEU C 75 -4.12 -5.86 29.95
N GLN C 76 -4.14 -6.93 30.73
CA GLN C 76 -3.28 -7.01 31.91
C GLN C 76 -1.92 -7.53 31.46
N LYS C 77 -0.87 -7.06 32.13
CA LYS C 77 0.51 -7.47 31.91
C LYS C 77 1.07 -8.06 33.21
N PHE C 78 1.75 -9.20 33.10
CA PHE C 78 2.34 -9.89 34.26
C PHE C 78 3.83 -10.15 34.05
N VAL D 7 8.06 -15.94 42.18
CA VAL D 7 6.69 -15.82 41.66
C VAL D 7 6.71 -15.40 40.19
N SER D 8 6.77 -16.39 39.30
CA SER D 8 6.96 -16.13 37.88
C SER D 8 5.74 -15.45 37.28
N SER D 9 5.89 -15.02 36.03
CA SER D 9 4.78 -14.41 35.32
C SER D 9 3.66 -15.44 35.15
N GLU D 10 4.04 -16.63 34.71
CA GLU D 10 3.09 -17.74 34.53
C GLU D 10 2.30 -18.06 35.82
N GLN D 11 2.97 -18.02 36.97
CA GLN D 11 2.36 -18.35 38.27
C GLN D 11 1.35 -17.29 38.76
N ALA D 12 1.67 -16.02 38.52
CA ALA D 12 0.76 -14.93 38.82
C ALA D 12 -0.54 -15.09 38.05
N LEU D 13 -0.38 -15.39 36.77
CA LEU D 13 -1.51 -15.61 35.88
C LEU D 13 -2.35 -16.76 36.41
N LYS D 14 -1.69 -17.81 36.91
CA LYS D 14 -2.38 -18.98 37.40
C LYS D 14 -3.21 -18.72 38.67
N GLU D 15 -2.70 -17.88 39.57
CA GLU D 15 -3.37 -17.60 40.84
C GLU D 15 -4.70 -16.87 40.64
N LEU D 16 -4.74 -16.01 39.63
CA LEU D 16 -5.93 -15.26 39.29
C LEU D 16 -6.97 -16.11 38.53
N GLY D 17 -6.52 -17.24 37.98
CA GLY D 17 -7.40 -18.09 37.19
C GLY D 17 -7.62 -17.54 35.79
N LEU D 18 -6.71 -16.67 35.37
CA LEU D 18 -6.78 -16.09 34.03
C LEU D 18 -5.97 -16.88 33.02
N ALA D 19 -6.54 -17.06 31.84
CA ALA D 19 -5.80 -17.67 30.74
C ALA D 19 -4.95 -16.60 30.07
N GLU D 20 -3.82 -17.02 29.54
CA GLU D 20 -3.01 -16.13 28.74
C GLU D 20 -3.76 -15.63 27.50
N HIS D 21 -3.56 -14.36 27.16
CA HIS D 21 -4.11 -13.74 25.97
C HIS D 21 -3.00 -13.68 24.92
N GLN D 22 -3.21 -14.28 23.76
CA GLN D 22 -2.18 -14.25 22.72
C GLN D 22 -2.38 -13.01 21.88
N LEU D 23 -1.41 -12.12 21.87
CA LEU D 23 -1.44 -11.04 20.90
C LEU D 23 -0.56 -11.43 19.72
N ARG D 24 -1.17 -11.52 18.55
CA ARG D 24 -0.47 -11.97 17.36
C ARG D 24 -0.50 -10.90 16.27
N PHE D 25 0.58 -10.80 15.49
CA PHE D 25 0.58 -9.98 14.28
C PHE D 25 0.85 -10.82 13.06
N THR D 26 0.21 -10.48 11.96
CA THR D 26 0.67 -10.92 10.65
C THR D 26 0.80 -9.73 9.72
N CYS D 27 1.98 -9.56 9.14
CA CYS D 27 2.19 -8.48 8.17
C CYS D 27 2.39 -9.07 6.79
N ARG D 28 1.76 -8.44 5.80
CA ARG D 28 1.98 -8.86 4.43
C ARG D 28 3.17 -8.09 3.87
N VAL D 29 4.22 -8.82 3.51
CA VAL D 29 5.41 -8.23 2.90
C VAL D 29 5.40 -8.48 1.40
N HIS D 30 5.45 -7.41 0.62
CA HIS D 30 5.42 -7.56 -0.82
C HIS D 30 6.81 -7.54 -1.42
N LEU D 31 7.19 -8.67 -2.03
CA LEU D 31 8.46 -8.79 -2.73
C LEU D 31 8.18 -8.72 -4.21
N HIS D 32 8.98 -7.94 -4.92
CA HIS D 32 8.80 -7.83 -6.35
C HIS D 32 9.92 -8.60 -7.03
N ASP D 33 9.61 -9.80 -7.49
CA ASP D 33 10.58 -10.68 -8.14
C ASP D 33 9.89 -11.53 -9.20
N THR D 34 10.66 -11.97 -10.19
CA THR D 34 10.05 -12.66 -11.31
C THR D 34 10.07 -14.19 -11.19
N ARG D 35 10.95 -14.73 -10.35
CA ARG D 35 11.13 -16.18 -10.32
C ARG D 35 10.00 -16.87 -9.56
N LYS D 36 10.01 -18.20 -9.60
CA LYS D 36 8.90 -18.98 -9.05
C LYS D 36 8.93 -19.02 -7.53
N GLU D 37 7.73 -19.16 -6.95
CA GLU D 37 7.51 -19.01 -5.51
C GLU D 37 8.35 -19.95 -4.63
N GLN D 38 8.75 -21.11 -5.16
CA GLN D 38 9.58 -22.01 -4.37
C GLN D 38 10.93 -21.33 -4.18
N GLU D 39 11.35 -20.62 -5.22
CA GLU D 39 12.59 -19.85 -5.15
C GLU D 39 12.43 -18.63 -4.24
N THR D 40 11.22 -18.13 -4.08
CA THR D 40 11.01 -17.00 -3.17
C THR D 40 11.35 -17.39 -1.72
N ALA D 41 10.69 -18.41 -1.20
CA ALA D 41 10.90 -18.87 0.16
C ALA D 41 12.36 -19.27 0.36
N LEU D 42 12.95 -19.93 -0.63
CA LEU D 42 14.34 -20.31 -0.55
C LEU D 42 15.25 -19.08 -0.51
N ARG D 43 14.99 -18.09 -1.36
CA ARG D 43 15.78 -16.86 -1.26
C ARG D 43 15.57 -16.16 0.10
N VAL D 44 14.33 -16.10 0.59
CA VAL D 44 14.10 -15.53 1.91
C VAL D 44 14.94 -16.27 2.96
N TYR D 45 14.84 -17.59 2.97
CA TYR D 45 15.59 -18.43 3.90
C TYR D 45 17.11 -18.12 3.82
N SER D 46 17.64 -18.08 2.60
CA SER D 46 19.07 -17.95 2.40
C SER D 46 19.58 -16.61 2.90
N HIS D 47 18.85 -15.56 2.57
CA HIS D 47 19.22 -14.23 2.99
C HIS D 47 19.16 -14.10 4.50
N LEU D 48 18.04 -14.48 5.12
CA LEU D 48 17.91 -14.38 6.58
C LEU D 48 18.96 -15.23 7.31
N LYS D 49 19.15 -16.46 6.86
CA LYS D 49 20.17 -17.38 7.41
C LYS D 49 21.57 -16.76 7.40
N SER D 50 21.93 -16.14 6.29
CA SER D 50 23.28 -15.59 6.22
C SER D 50 23.41 -14.30 7.08
N VAL D 51 22.37 -13.47 7.11
CA VAL D 51 22.39 -12.19 7.85
C VAL D 51 22.23 -12.35 9.38
N LEU D 52 21.27 -13.15 9.80
CA LEU D 52 21.00 -13.29 11.23
C LEU D 52 21.90 -14.30 11.90
N LYS D 53 23.17 -13.92 12.09
CA LYS D 53 24.15 -14.78 12.74
C LYS D 53 23.61 -15.28 14.06
N ASP D 54 23.87 -16.57 14.34
CA ASP D 54 23.60 -17.21 15.62
C ASP D 54 22.11 -17.20 15.97
N HIS D 55 21.25 -17.04 14.98
CA HIS D 55 19.82 -17.19 15.21
C HIS D 55 19.41 -18.57 14.72
N CYS D 56 18.33 -19.06 15.30
CA CYS D 56 17.65 -20.25 14.81
C CYS D 56 16.89 -19.91 13.54
N VAL D 57 17.42 -20.34 12.41
CA VAL D 57 16.80 -20.03 11.12
C VAL D 57 16.56 -21.32 10.37
N GLN D 58 15.30 -21.53 9.97
CA GLN D 58 14.90 -22.82 9.41
C GLN D 58 14.12 -22.75 8.13
N HIS D 59 14.30 -23.79 7.31
CA HIS D 59 13.49 -23.93 6.13
C HIS D 59 12.69 -25.23 6.31
N LEU D 60 11.38 -25.11 6.53
CA LEU D 60 10.57 -26.27 6.96
C LEU D 60 10.09 -27.08 5.76
N PRO D 61 9.69 -28.35 5.95
CA PRO D 61 9.43 -29.21 4.78
C PRO D 61 8.26 -28.74 3.94
N ASP D 62 7.40 -27.90 4.52
CA ASP D 62 6.26 -27.38 3.78
C ASP D 62 6.63 -26.08 3.05
N GLY D 63 7.90 -25.70 3.12
CA GLY D 63 8.38 -24.53 2.41
C GLY D 63 8.37 -23.23 3.22
N SER D 64 7.74 -23.25 4.37
CA SER D 64 7.69 -22.03 5.16
C SER D 64 9.06 -21.79 5.85
N VAL D 65 9.28 -20.59 6.34
CA VAL D 65 10.60 -20.21 6.88
C VAL D 65 10.40 -19.67 8.29
N THR D 66 11.33 -19.99 9.20
CA THR D 66 11.23 -19.44 10.53
C THR D 66 12.53 -18.79 11.03
N VAL D 67 12.37 -17.76 11.85
CA VAL D 67 13.51 -17.11 12.50
C VAL D 67 13.14 -17.05 13.97
N GLU D 68 13.87 -17.79 14.81
CA GLU D 68 13.40 -18.09 16.16
C GLU D 68 11.95 -18.53 16.03
N SER D 69 11.04 -17.89 16.76
CA SER D 69 9.61 -18.23 16.66
C SER D 69 8.78 -17.34 15.72
N VAL D 70 9.45 -16.53 14.91
CA VAL D 70 8.77 -15.76 13.86
C VAL D 70 8.56 -16.69 12.64
N LEU D 71 7.34 -16.75 12.14
CA LEU D 71 7.00 -17.60 11.03
C LEU D 71 6.80 -16.81 9.74
N LEU D 72 7.39 -17.27 8.66
CA LEU D 72 7.27 -16.58 7.38
C LEU D 72 6.82 -17.56 6.30
N GLN D 73 5.65 -17.32 5.72
CA GLN D 73 5.01 -18.21 4.75
C GLN D 73 4.64 -17.47 3.47
N ALA D 74 4.75 -18.14 2.33
CA ALA D 74 4.22 -17.57 1.09
C ALA D 74 2.70 -17.39 1.16
N ALA D 75 2.18 -16.30 0.63
CA ALA D 75 0.73 -16.20 0.52
C ALA D 75 0.29 -17.12 -0.63
N ALA D 76 -1.00 -17.40 -0.71
CA ALA D 76 -1.54 -18.03 -1.92
C ALA D 76 -1.12 -17.17 -3.13
N PRO D 77 -0.69 -17.82 -4.22
CA PRO D 77 -0.28 -17.17 -5.47
C PRO D 77 -1.25 -16.12 -5.96
N SER D 78 -0.74 -14.92 -6.23
CA SER D 78 -1.56 -13.88 -6.85
C SER D 78 -1.62 -14.11 -8.35
N GLU D 79 -2.57 -13.48 -9.02
CA GLU D 79 -2.67 -13.63 -10.46
C GLU D 79 -1.61 -12.75 -11.13
N ASP D 80 -1.01 -11.87 -10.32
CA ASP D 80 0.11 -11.03 -10.75
C ASP D 80 1.44 -11.76 -10.56
N PRO D 81 2.08 -12.17 -11.68
CA PRO D 81 3.30 -12.98 -11.64
C PRO D 81 4.42 -12.34 -10.82
N GLY D 82 4.67 -11.05 -11.09
CA GLY D 82 5.83 -10.37 -10.57
C GLY D 82 5.82 -9.99 -9.09
N THR D 83 4.78 -10.35 -8.37
CA THR D 83 4.71 -10.02 -6.94
C THR D 83 4.42 -11.24 -6.09
N LYS D 84 5.33 -11.55 -5.17
CA LYS D 84 5.07 -12.61 -4.21
C LYS D 84 4.85 -11.97 -2.84
N VAL D 85 3.74 -12.32 -2.22
CA VAL D 85 3.46 -11.83 -0.89
C VAL D 85 4.00 -12.81 0.14
N LEU D 86 4.63 -12.26 1.15
CA LEU D 86 5.25 -13.04 2.18
C LEU D 86 4.53 -12.71 3.48
N LEU D 87 3.91 -13.70 4.11
CA LEU D 87 3.21 -13.47 5.38
C LEU D 87 4.19 -13.65 6.53
N VAL D 88 4.47 -12.58 7.27
CA VAL D 88 5.38 -12.65 8.41
C VAL D 88 4.56 -12.53 9.68
N SER D 89 4.68 -13.51 10.57
CA SER D 89 3.78 -13.56 11.70
C SER D 89 4.50 -13.86 13.00
N TRP D 90 4.08 -13.21 14.08
CA TRP D 90 4.70 -13.38 15.38
C TRP D 90 3.76 -13.01 16.50
N THR D 91 3.97 -13.57 17.68
CA THR D 91 3.23 -13.12 18.85
C THR D 91 4.07 -12.10 19.63
N TYR D 92 3.45 -11.54 20.66
CA TYR D 92 4.02 -10.36 21.32
C TYR D 92 5.39 -10.70 21.97
N GLN D 93 5.56 -11.93 22.43
CA GLN D 93 6.87 -12.32 23.01
C GLN D 93 8.02 -12.03 22.04
N ASP D 94 7.79 -12.18 20.73
CA ASP D 94 8.83 -11.90 19.73
C ASP D 94 8.58 -10.61 18.95
N GLU D 95 7.96 -9.65 19.61
CA GLU D 95 7.61 -8.39 18.94
C GLU D 95 8.84 -7.71 18.33
N GLU D 96 9.92 -7.66 19.09
CA GLU D 96 11.10 -6.89 18.63
C GLU D 96 11.70 -7.47 17.33
N LEU D 97 11.87 -8.78 17.31
CA LEU D 97 12.44 -9.46 16.15
C LEU D 97 11.45 -9.48 14.98
N GLY D 98 10.19 -9.72 15.30
CA GLY D 98 9.15 -9.73 14.27
C GLY D 98 9.12 -8.40 13.53
N SER D 99 9.22 -7.33 14.32
CA SER D 99 9.25 -5.97 13.77
C SER D 99 10.49 -5.75 12.93
N PHE D 100 11.65 -6.16 13.47
CA PHE D 100 12.88 -6.00 12.74
C PHE D 100 12.82 -6.72 11.37
N LEU D 101 12.35 -7.96 11.36
CA LEU D 101 12.34 -8.74 10.13
C LEU D 101 11.39 -8.11 9.13
N THR D 102 10.28 -7.53 9.58
CA THR D 102 9.35 -7.04 8.56
C THR D 102 9.95 -5.77 7.99
N SER D 103 10.64 -5.00 8.82
CA SER D 103 11.22 -3.76 8.28
C SER D 103 12.38 -4.13 7.36
N LEU D 104 13.06 -5.21 7.67
CA LEU D 104 14.20 -5.61 6.87
C LEU D 104 13.75 -6.02 5.46
N LEU D 105 12.71 -6.87 5.43
CA LEU D 105 12.15 -7.46 4.21
C LEU D 105 11.39 -6.47 3.35
N LYS D 106 10.90 -5.40 3.97
CA LYS D 106 10.35 -4.27 3.24
C LYS D 106 11.34 -3.74 2.20
N LYS D 107 12.64 -3.84 2.46
CA LYS D 107 13.65 -3.32 1.52
C LYS D 107 13.76 -4.23 0.32
N GLY D 108 13.18 -5.42 0.41
CA GLY D 108 13.18 -6.35 -0.71
C GLY D 108 14.39 -7.26 -0.64
N LEU D 109 14.46 -8.21 -1.56
CA LEU D 109 15.57 -9.14 -1.53
C LEU D 109 16.60 -8.82 -2.62
N PRO D 110 17.81 -9.39 -2.49
CA PRO D 110 18.82 -9.39 -3.56
C PRO D 110 18.28 -9.95 -4.88
N LYS E 2 14.81 12.27 -13.58
CA LYS E 2 13.88 11.36 -14.27
C LYS E 2 13.92 11.60 -15.77
N PRO E 3 13.96 10.52 -16.57
CA PRO E 3 14.10 10.79 -18.01
C PRO E 3 12.82 11.38 -18.64
N LEU E 4 12.97 12.15 -19.69
CA LEU E 4 11.84 12.43 -20.58
C LEU E 4 11.53 11.16 -21.38
N LEU E 5 10.30 11.08 -21.91
CA LEU E 5 9.81 9.85 -22.51
C LEU E 5 9.35 10.08 -23.92
N SER E 6 9.34 9.01 -24.70
CA SER E 6 8.94 9.08 -26.09
C SER E 6 8.34 7.77 -26.58
N GLY E 7 7.30 7.86 -27.42
CA GLY E 7 6.88 6.68 -28.14
C GLY E 7 5.39 6.49 -28.24
N SER E 8 5.02 5.36 -28.81
CA SER E 8 3.64 5.10 -29.18
C SER E 8 3.16 3.77 -28.56
N ILE E 9 2.09 3.82 -27.78
CA ILE E 9 1.58 2.61 -27.14
C ILE E 9 0.65 1.84 -28.09
N PRO E 10 1.03 0.62 -28.49
CA PRO E 10 0.11 -0.23 -29.26
C PRO E 10 -0.95 -0.78 -28.31
N VAL E 11 -2.17 -0.27 -28.43
CA VAL E 11 -3.21 -0.52 -27.42
C VAL E 11 -3.50 -2.01 -27.29
N GLU E 12 -3.57 -2.70 -28.41
CA GLU E 12 -3.89 -4.12 -28.38
C GLU E 12 -2.76 -4.94 -27.70
N GLN E 13 -1.51 -4.66 -28.02
CA GLN E 13 -0.39 -5.36 -27.36
C GLN E 13 -0.28 -4.97 -25.85
N PHE E 14 -0.51 -3.69 -25.57
CA PHE E 14 -0.53 -3.22 -24.18
C PHE E 14 -1.56 -4.00 -23.35
N VAL E 15 -2.76 -4.18 -23.88
CA VAL E 15 -3.78 -4.99 -23.21
C VAL E 15 -3.32 -6.43 -23.04
N GLN E 16 -2.75 -7.01 -24.09
CA GLN E 16 -2.14 -8.34 -24.00
C GLN E 16 -1.12 -8.40 -22.87
N THR E 17 -0.25 -7.39 -22.78
CA THR E 17 0.73 -7.35 -21.70
C THR E 17 0.06 -7.26 -20.34
N LEU E 18 -1.01 -6.46 -20.24
CA LEU E 18 -1.77 -6.39 -19.00
C LEU E 18 -2.24 -7.78 -18.63
N GLU E 19 -2.81 -8.49 -19.59
CA GLU E 19 -3.40 -9.80 -19.32
C GLU E 19 -2.32 -10.78 -18.82
N LYS E 20 -1.14 -10.72 -19.44
CA LYS E 20 0.02 -11.51 -19.03
C LYS E 20 0.40 -11.18 -17.58
N HIS E 21 0.13 -9.94 -17.16
CA HIS E 21 0.56 -9.54 -15.84
C HIS E 21 -0.54 -9.55 -14.80
N GLY E 22 -1.55 -10.39 -14.99
CA GLY E 22 -2.57 -10.58 -13.96
C GLY E 22 -3.92 -9.89 -14.13
N PHE E 23 -4.06 -9.01 -15.12
CA PHE E 23 -5.33 -8.31 -15.30
C PHE E 23 -6.25 -9.05 -16.25
N SER E 24 -7.44 -9.42 -15.78
CA SER E 24 -8.50 -9.88 -16.69
C SER E 24 -9.71 -8.95 -16.61
N ASP E 25 -10.73 -9.25 -17.39
CA ASP E 25 -11.89 -8.37 -17.50
C ASP E 25 -11.53 -6.96 -17.91
N ILE E 26 -10.57 -6.84 -18.81
CA ILE E 26 -10.14 -5.56 -19.29
C ILE E 26 -11.13 -5.03 -20.33
N LYS E 27 -11.54 -3.80 -20.18
CA LYS E 27 -12.45 -3.23 -21.16
C LYS E 27 -11.74 -2.08 -21.84
N VAL E 28 -11.95 -1.91 -23.15
CA VAL E 28 -11.30 -0.82 -23.88
C VAL E 28 -12.32 0.04 -24.60
N GLU E 29 -12.35 1.30 -24.24
CA GLU E 29 -13.27 2.27 -24.80
C GLU E 29 -12.55 3.06 -25.90
N ASP E 30 -13.21 3.33 -27.03
CA ASP E 30 -12.61 4.20 -28.06
C ASP E 30 -12.95 5.66 -27.82
N THR E 31 -12.03 6.54 -28.13
CA THR E 31 -12.33 7.97 -28.16
C THR E 31 -12.04 8.48 -29.54
N ALA E 32 -12.18 9.78 -29.75
CA ALA E 32 -12.08 10.36 -31.09
C ALA E 32 -10.81 9.90 -31.79
N LYS E 33 -9.67 10.04 -31.12
CA LYS E 33 -8.43 9.54 -31.72
C LYS E 33 -7.65 8.56 -30.81
N GLY E 34 -8.14 8.29 -29.59
CA GLY E 34 -7.42 7.35 -28.76
C GLY E 34 -8.26 6.26 -28.12
N HIS E 35 -7.82 5.81 -26.96
CA HIS E 35 -8.49 4.76 -26.22
C HIS E 35 -8.42 5.01 -24.72
N ILE E 36 -9.36 4.42 -23.99
CA ILE E 36 -9.31 4.39 -22.54
C ILE E 36 -9.39 2.93 -22.08
N VAL E 37 -8.37 2.47 -21.41
CA VAL E 37 -8.41 1.13 -20.83
C VAL E 37 -9.16 1.24 -19.53
N LEU E 38 -10.11 0.34 -19.28
CA LEU E 38 -10.92 0.40 -18.09
C LEU E 38 -10.71 -0.86 -17.26
N LEU E 39 -10.33 -0.68 -16.00
CA LEU E 39 -10.02 -1.77 -15.09
C LEU E 39 -10.85 -1.62 -13.81
N GLN E 40 -11.48 -2.69 -13.36
CA GLN E 40 -12.16 -2.63 -12.07
C GLN E 40 -11.16 -2.36 -10.95
N GLU E 41 -9.93 -2.82 -11.11
CA GLU E 41 -8.95 -2.73 -10.03
C GLU E 41 -8.65 -1.24 -9.82
N ALA E 42 -8.94 -0.79 -8.59
CA ALA E 42 -8.82 0.62 -8.18
C ALA E 42 -9.61 1.58 -9.08
N GLU E 43 -10.65 1.04 -9.74
CA GLU E 43 -11.52 1.83 -10.63
C GLU E 43 -10.68 2.70 -11.58
N THR E 44 -9.81 2.03 -12.32
CA THR E 44 -8.75 2.67 -13.08
C THR E 44 -9.12 2.99 -14.51
N LEU E 45 -8.82 4.22 -14.95
CA LEU E 45 -8.84 4.55 -16.36
C LEU E 45 -7.41 4.83 -16.81
N ILE E 46 -7.00 4.21 -17.90
CA ILE E 46 -5.77 4.58 -18.55
C ILE E 46 -6.12 5.25 -19.88
N GLN E 47 -5.98 6.56 -19.93
CA GLN E 47 -6.28 7.29 -21.14
C GLN E 47 -5.10 7.24 -22.08
N ILE E 48 -5.27 6.63 -23.23
CA ILE E 48 -4.16 6.45 -24.16
C ILE E 48 -4.36 7.30 -25.40
N GLU E 49 -3.59 8.40 -25.52
CA GLU E 49 -3.75 9.32 -26.64
C GLU E 49 -2.38 9.60 -27.26
N GLU E 50 -2.37 10.32 -28.38
CA GLU E 50 -1.11 10.59 -29.06
C GLU E 50 -0.17 11.34 -28.11
N ASP E 51 1.03 10.80 -27.91
CA ASP E 51 2.02 11.39 -27.00
C ASP E 51 1.55 11.70 -25.55
N SER E 52 0.58 10.94 -25.05
CA SER E 52 0.02 11.20 -23.73
C SER E 52 -0.66 9.97 -23.14
N THR E 53 -0.19 9.58 -21.97
CA THR E 53 -0.81 8.48 -21.25
C THR E 53 -1.14 9.01 -19.88
N HIS E 54 -2.41 8.87 -19.49
CA HIS E 54 -2.84 9.41 -18.22
C HIS E 54 -3.53 8.28 -17.44
N ILE E 55 -2.89 7.84 -16.35
CA ILE E 55 -3.42 6.78 -15.50
C ILE E 55 -4.20 7.45 -14.37
N ILE E 56 -5.47 7.09 -14.25
CA ILE E 56 -6.33 7.64 -13.20
C ILE E 56 -6.85 6.47 -12.35
N CYS E 57 -6.54 6.45 -11.06
CA CYS E 57 -6.95 5.33 -10.21
C CYS E 57 -7.13 5.77 -8.74
N ASP E 58 -7.77 4.91 -7.95
CA ASP E 58 -7.85 5.13 -6.51
C ASP E 58 -6.45 4.97 -5.92
N ASN E 59 -6.31 5.30 -4.64
CA ASN E 59 -4.99 5.32 -4.01
C ASN E 59 -4.51 3.92 -3.62
N ASP E 60 -4.20 3.12 -4.64
CA ASP E 60 -3.70 1.78 -4.48
C ASP E 60 -2.32 1.80 -5.09
N GLU E 61 -1.32 2.03 -4.25
CA GLU E 61 -0.01 2.33 -4.77
C GLU E 61 0.61 1.12 -5.52
N MET E 62 0.37 -0.11 -5.06
CA MET E 62 0.99 -1.23 -5.76
C MET E 62 0.37 -1.44 -7.15
N LEU E 63 -0.93 -1.23 -7.26
CA LEU E 63 -1.58 -1.25 -8.56
C LEU E 63 -0.99 -0.12 -9.46
N ARG E 64 -0.90 1.11 -8.94
CA ARG E 64 -0.37 2.22 -9.74
C ARG E 64 1.08 1.93 -10.21
N VAL E 65 1.89 1.36 -9.33
CA VAL E 65 3.28 1.06 -9.70
C VAL E 65 3.32 0.05 -10.83
N ARG E 66 2.51 -0.99 -10.69
CA ARG E 66 2.44 -2.00 -11.75
C ARG E 66 2.12 -1.37 -13.10
N LEU E 67 1.13 -0.49 -13.14
CA LEU E 67 0.72 0.11 -14.42
C LEU E 67 1.78 1.09 -14.92
N ARG E 68 2.37 1.86 -14.01
CA ARG E 68 3.49 2.73 -14.34
C ARG E 68 4.58 1.93 -15.05
N ASP E 69 5.00 0.83 -14.42
CA ASP E 69 6.10 0.04 -14.97
C ASP E 69 5.73 -0.55 -16.34
N LEU E 70 4.52 -1.06 -16.49
CA LEU E 70 4.12 -1.63 -17.77
C LEU E 70 4.06 -0.54 -18.86
N VAL E 71 3.49 0.63 -18.54
CA VAL E 71 3.50 1.71 -19.54
C VAL E 71 4.96 2.07 -19.93
N LEU E 72 5.86 2.16 -18.94
CA LEU E 72 7.23 2.61 -19.20
C LEU E 72 7.96 1.68 -20.16
N LYS E 73 7.64 0.39 -20.13
CA LYS E 73 8.33 -0.54 -21.00
C LYS E 73 8.04 -0.30 -22.50
N PHE E 74 6.98 0.44 -22.84
CA PHE E 74 6.66 0.75 -24.25
C PHE E 74 7.25 2.09 -24.70
N LEU E 75 7.82 2.81 -23.74
CA LEU E 75 8.29 4.16 -24.05
C LEU E 75 9.81 4.21 -24.10
N GLN E 76 10.35 5.08 -24.95
CA GLN E 76 11.79 5.29 -25.03
C GLN E 76 12.18 6.44 -24.07
N LYS E 77 13.29 6.29 -23.36
CA LYS E 77 13.74 7.29 -22.39
C LYS E 77 14.93 8.07 -22.92
N PHE E 78 15.02 9.37 -22.59
CA PHE E 78 16.18 10.18 -22.99
C PHE E 78 16.53 11.36 -22.04
N LEU F 18 12.57 14.57 -31.44
CA LEU F 18 11.27 14.12 -31.93
C LEU F 18 10.09 14.66 -31.09
N ALA F 19 9.42 13.78 -30.35
CA ALA F 19 8.19 14.14 -29.64
C ALA F 19 8.10 13.59 -28.19
N GLU F 20 7.90 14.48 -27.23
CA GLU F 20 7.82 14.08 -25.83
C GLU F 20 6.50 13.39 -25.52
N HIS F 21 6.58 12.27 -24.81
CA HIS F 21 5.35 11.57 -24.37
C HIS F 21 5.05 11.94 -22.92
N GLN F 22 3.90 12.58 -22.65
CA GLN F 22 3.55 12.93 -21.26
C GLN F 22 2.97 11.73 -20.53
N LEU F 23 3.62 11.31 -19.45
CA LEU F 23 3.07 10.28 -18.61
C LEU F 23 2.58 10.98 -17.33
N ARG F 24 1.28 10.96 -17.10
CA ARG F 24 0.64 11.64 -15.98
C ARG F 24 -0.17 10.70 -15.09
N PHE F 25 -0.19 11.01 -13.81
CA PHE F 25 -1.03 10.24 -12.87
C PHE F 25 -2.01 11.16 -12.20
N THR F 26 -3.23 10.68 -12.02
CA THR F 26 -4.15 11.30 -11.11
C THR F 26 -4.59 10.22 -10.17
N CYS F 27 -4.30 10.42 -8.90
CA CYS F 27 -4.73 9.51 -7.85
C CYS F 27 -5.90 10.05 -7.02
N ARG F 28 -6.96 9.25 -6.88
CA ARG F 28 -8.10 9.66 -6.06
C ARG F 28 -7.86 9.26 -4.61
N VAL F 29 -7.41 10.21 -3.81
CA VAL F 29 -7.25 9.98 -2.41
C VAL F 29 -8.58 10.12 -1.69
N HIS F 30 -8.96 9.12 -0.90
CA HIS F 30 -10.23 9.15 -0.19
C HIS F 30 -10.03 9.50 1.28
N LEU F 31 -10.57 10.65 1.68
CA LEU F 31 -10.57 11.07 3.08
C LEU F 31 -11.93 10.79 3.71
N HIS F 32 -11.88 10.29 4.94
CA HIS F 32 -13.09 9.92 5.67
C HIS F 32 -13.20 10.79 6.91
N ASP F 33 -14.11 11.76 6.91
CA ASP F 33 -14.08 12.81 7.94
C ASP F 33 -15.45 13.28 8.42
N THR F 34 -15.48 13.71 9.69
CA THR F 34 -16.63 14.44 10.25
C THR F 34 -16.66 15.86 9.67
N ARG F 35 -15.54 16.27 9.10
CA ARG F 35 -15.31 17.65 8.67
C ARG F 35 -15.99 17.99 7.34
N LYS F 36 -16.47 19.23 7.23
CA LYS F 36 -17.13 19.70 6.01
C LYS F 36 -16.23 19.50 4.79
N GLU F 37 -16.84 19.12 3.66
CA GLU F 37 -16.08 18.93 2.43
C GLU F 37 -15.55 20.26 1.89
N GLN F 38 -15.98 21.36 2.49
CA GLN F 38 -15.61 22.68 2.03
C GLN F 38 -14.23 23.14 2.50
N GLU F 39 -13.86 22.77 3.72
CA GLU F 39 -12.58 23.21 4.26
C GLU F 39 -11.44 22.26 3.87
N THR F 40 -11.73 21.35 2.94
CA THR F 40 -10.80 20.24 2.66
C THR F 40 -9.48 20.72 2.06
N ALA F 41 -9.54 21.56 1.02
CA ALA F 41 -8.32 22.05 0.38
C ALA F 41 -7.49 22.82 1.39
N LEU F 42 -8.16 23.62 2.23
CA LEU F 42 -7.46 24.40 3.23
C LEU F 42 -6.76 23.47 4.27
N ARG F 43 -7.45 22.42 4.73
CA ARG F 43 -6.83 21.44 5.65
C ARG F 43 -5.60 20.77 5.01
N VAL F 44 -5.72 20.40 3.74
CA VAL F 44 -4.60 19.77 3.04
C VAL F 44 -3.41 20.71 2.96
N TYR F 45 -3.67 21.94 2.55
CA TYR F 45 -2.63 22.95 2.47
C TYR F 45 -1.93 23.13 3.82
N SER F 46 -2.69 23.27 4.91
CA SER F 46 -2.08 23.53 6.20
C SER F 46 -1.24 22.34 6.65
N HIS F 47 -1.80 21.14 6.52
CA HIS F 47 -1.08 19.92 6.82
C HIS F 47 0.24 19.84 6.03
N LEU F 48 0.16 19.91 4.69
CA LEU F 48 1.36 19.78 3.87
C LEU F 48 2.38 20.92 4.06
N LYS F 49 1.90 22.13 4.30
CA LYS F 49 2.79 23.26 4.51
C LYS F 49 3.60 23.04 5.77
N SER F 50 2.95 22.51 6.80
CA SER F 50 3.62 22.24 8.06
C SER F 50 4.56 21.04 7.95
N VAL F 51 4.12 19.99 7.27
CA VAL F 51 4.91 18.76 7.15
C VAL F 51 6.11 18.84 6.18
N LEU F 52 5.97 19.59 5.09
CA LEU F 52 7.02 19.70 4.10
C LEU F 52 7.63 21.10 4.08
N LYS F 53 8.28 21.47 5.18
CA LYS F 53 8.77 22.83 5.40
C LYS F 53 9.70 23.34 4.31
N ASP F 54 10.44 22.41 3.68
CA ASP F 54 11.46 22.73 2.68
C ASP F 54 10.97 22.68 1.21
N HIS F 55 9.68 22.47 1.01
CA HIS F 55 9.12 22.44 -0.34
C HIS F 55 8.29 23.68 -0.62
N CYS F 56 8.09 23.96 -1.89
CA CYS F 56 7.16 24.98 -2.33
C CYS F 56 5.73 24.43 -2.21
N VAL F 57 4.96 24.95 -1.27
CA VAL F 57 3.56 24.56 -1.06
C VAL F 57 2.67 25.81 -1.22
N GLN F 58 1.62 25.70 -2.03
CA GLN F 58 0.79 26.86 -2.33
C GLN F 58 -0.69 26.52 -2.16
N HIS F 59 -1.47 27.54 -1.86
CA HIS F 59 -2.90 27.48 -1.88
C HIS F 59 -3.30 28.53 -2.91
N LEU F 60 -3.81 28.05 -4.05
CA LEU F 60 -4.03 28.88 -5.23
C LEU F 60 -5.41 29.54 -5.13
N PRO F 61 -5.65 30.61 -5.91
CA PRO F 61 -6.95 31.34 -5.77
C PRO F 61 -8.17 30.51 -6.18
N ASP F 62 -8.00 29.43 -6.96
CA ASP F 62 -9.14 28.59 -7.38
C ASP F 62 -9.40 27.48 -6.34
N GLY F 63 -8.63 27.50 -5.25
CA GLY F 63 -8.82 26.55 -4.15
C GLY F 63 -7.92 25.33 -4.25
N SER F 64 -7.21 25.21 -5.34
CA SER F 64 -6.39 24.06 -5.50
C SER F 64 -5.07 24.22 -4.67
N VAL F 65 -4.38 23.12 -4.46
CA VAL F 65 -3.16 23.07 -3.63
C VAL F 65 -2.01 22.47 -4.46
N THR F 66 -0.80 22.98 -4.32
CA THR F 66 0.31 22.42 -5.08
C THR F 66 1.48 22.18 -4.15
N VAL F 67 2.27 21.15 -4.46
CA VAL F 67 3.53 20.89 -3.78
C VAL F 67 4.51 20.72 -4.93
N GLU F 68 5.46 21.64 -5.01
CA GLU F 68 6.23 21.80 -6.24
C GLU F 68 5.26 21.74 -7.41
N SER F 69 5.45 20.84 -8.36
CA SER F 69 4.56 20.83 -9.51
C SER F 69 3.46 19.77 -9.43
N VAL F 70 3.27 19.20 -8.25
CA VAL F 70 2.17 18.24 -8.03
C VAL F 70 0.91 19.02 -7.70
N LEU F 71 -0.19 18.72 -8.40
CA LEU F 71 -1.46 19.43 -8.25
C LEU F 71 -2.48 18.62 -7.41
N LEU F 72 -3.07 19.24 -6.39
CA LEU F 72 -4.06 18.54 -5.54
C LEU F 72 -5.34 19.34 -5.51
N GLN F 73 -6.46 18.69 -5.79
CA GLN F 73 -7.74 19.40 -5.91
C GLN F 73 -8.79 18.61 -5.17
N ALA F 74 -9.52 19.28 -4.31
CA ALA F 74 -10.64 18.70 -3.63
C ALA F 74 -11.71 18.48 -4.68
N ALA F 75 -12.26 17.28 -4.74
CA ALA F 75 -13.25 17.00 -5.76
C ALA F 75 -14.59 17.63 -5.38
N ALA F 76 -15.36 17.99 -6.40
CA ALA F 76 -16.72 18.49 -6.26
C ALA F 76 -17.59 17.49 -5.50
N PRO F 77 -18.69 17.96 -4.87
CA PRO F 77 -19.73 17.19 -4.17
C PRO F 77 -19.82 15.71 -4.51
N LYS F 84 -15.42 12.17 0.70
CA LYS F 84 -14.47 13.23 0.31
C LYS F 84 -13.23 12.79 -0.49
N VAL F 85 -13.15 13.18 -1.75
CA VAL F 85 -12.07 12.75 -2.65
C VAL F 85 -11.11 13.90 -2.91
N LEU F 86 -9.83 13.62 -2.77
CA LEU F 86 -8.80 14.60 -3.07
C LEU F 86 -8.01 14.07 -4.27
N LEU F 87 -8.04 14.81 -5.37
CA LEU F 87 -7.38 14.36 -6.61
C LEU F 87 -5.93 14.82 -6.61
N VAL F 88 -4.99 13.89 -6.68
CA VAL F 88 -3.56 14.27 -6.62
C VAL F 88 -2.92 13.92 -7.95
N SER F 89 -2.35 14.91 -8.63
CA SER F 89 -1.99 14.70 -10.02
C SER F 89 -0.56 15.15 -10.30
N TRP F 90 0.21 14.32 -11.00
CA TRP F 90 1.61 14.64 -11.30
C TRP F 90 2.06 14.03 -12.60
N THR F 91 3.14 14.57 -13.18
CA THR F 91 3.73 13.95 -14.36
C THR F 91 4.84 13.00 -13.90
N TYR F 92 5.30 12.16 -14.80
CA TYR F 92 6.37 11.22 -14.46
C TYR F 92 7.64 11.88 -13.92
N GLN F 93 7.97 13.08 -14.36
CA GLN F 93 9.18 13.70 -13.86
C GLN F 93 9.07 14.05 -12.36
N ASP F 94 7.85 14.03 -11.82
CA ASP F 94 7.64 14.28 -10.39
C ASP F 94 7.20 13.02 -9.68
N GLU F 95 7.48 11.89 -10.30
CA GLU F 95 7.06 10.59 -9.76
C GLU F 95 7.36 10.39 -8.28
N GLU F 96 8.58 10.72 -7.82
CA GLU F 96 8.93 10.41 -6.43
C GLU F 96 8.07 11.21 -5.46
N LEU F 97 7.93 12.50 -5.74
CA LEU F 97 7.14 13.36 -4.88
C LEU F 97 5.63 12.99 -4.94
N GLY F 98 5.10 12.72 -6.13
CA GLY F 98 3.69 12.36 -6.23
C GLY F 98 3.39 11.13 -5.40
N SER F 99 4.24 10.13 -5.54
CA SER F 99 4.11 8.88 -4.79
C SER F 99 4.25 9.13 -3.28
N PHE F 100 5.24 9.92 -2.90
CA PHE F 100 5.36 10.33 -1.52
C PHE F 100 4.09 10.99 -0.97
N LEU F 101 3.55 11.97 -1.69
CA LEU F 101 2.33 12.69 -1.23
C LEU F 101 1.13 11.75 -1.09
N THR F 102 0.91 10.82 -2.02
CA THR F 102 -0.28 9.98 -1.93
C THR F 102 -0.15 8.96 -0.81
N SER F 103 1.06 8.46 -0.57
CA SER F 103 1.28 7.59 0.61
C SER F 103 1.02 8.36 1.89
N LEU F 104 1.51 9.60 1.95
CA LEU F 104 1.36 10.42 3.15
C LEU F 104 -0.12 10.73 3.40
N LEU F 105 -0.85 11.03 2.33
CA LEU F 105 -2.22 11.46 2.49
C LEU F 105 -3.14 10.28 2.83
N LYS F 106 -2.69 9.08 2.49
CA LYS F 106 -3.42 7.87 2.84
C LYS F 106 -3.60 7.73 4.36
N LYS F 107 -2.72 8.34 5.16
CA LYS F 107 -2.86 8.27 6.62
C LYS F 107 -3.84 9.32 7.17
N GLY F 108 -4.40 10.13 6.27
CA GLY F 108 -5.46 11.07 6.60
C GLY F 108 -4.94 12.41 7.09
N LEU F 109 -5.87 13.32 7.38
CA LEU F 109 -5.55 14.68 7.81
C LEU F 109 -5.62 14.77 9.32
N PRO F 110 -4.75 15.59 9.94
CA PRO F 110 -4.59 15.76 11.39
C PRO F 110 -5.88 16.00 12.16
N LYS G 2 -0.69 42.52 4.61
CA LYS G 2 -2.08 42.54 4.08
C LYS G 2 -3.11 41.94 5.04
N PRO G 3 -4.16 42.71 5.40
CA PRO G 3 -5.13 42.19 6.39
C PRO G 3 -6.00 41.09 5.86
N LEU G 4 -6.51 40.26 6.76
CA LEU G 4 -7.57 39.33 6.45
C LEU G 4 -8.87 40.10 6.26
N LEU G 5 -9.72 39.62 5.35
CA LEU G 5 -10.99 40.27 5.09
C LEU G 5 -12.19 39.47 5.61
N SER G 6 -13.25 40.19 5.97
CA SER G 6 -14.47 39.51 6.36
C SER G 6 -15.70 40.32 6.03
N GLY G 7 -16.74 39.64 5.58
CA GLY G 7 -17.98 40.31 5.36
C GLY G 7 -18.67 39.90 4.09
N SER G 8 -19.66 40.70 3.71
CA SER G 8 -20.51 40.38 2.58
C SER G 8 -20.73 41.67 1.79
N ILE G 9 -20.97 41.52 0.50
CA ILE G 9 -21.13 42.69 -0.35
C ILE G 9 -22.60 42.83 -0.69
N PRO G 10 -23.27 43.86 -0.14
CA PRO G 10 -24.66 44.05 -0.54
C PRO G 10 -24.69 44.62 -1.95
N VAL G 11 -25.24 43.84 -2.87
CA VAL G 11 -25.15 44.11 -4.30
C VAL G 11 -25.79 45.44 -4.67
N GLU G 12 -26.95 45.70 -4.10
CA GLU G 12 -27.67 46.92 -4.41
C GLU G 12 -26.82 48.12 -3.99
N GLN G 13 -26.29 48.11 -2.79
CA GLN G 13 -25.52 49.26 -2.34
C GLN G 13 -24.17 49.33 -3.08
N PHE G 14 -23.64 48.19 -3.50
CA PHE G 14 -22.39 48.16 -4.27
C PHE G 14 -22.56 48.85 -5.64
N VAL G 15 -23.58 48.43 -6.39
CA VAL G 15 -23.94 49.06 -7.66
C VAL G 15 -24.16 50.56 -7.49
N GLN G 16 -24.87 50.97 -6.45
CA GLN G 16 -25.05 52.41 -6.20
C GLN G 16 -23.71 53.11 -5.98
N THR G 17 -22.78 52.45 -5.30
CA THR G 17 -21.48 53.03 -5.10
C THR G 17 -20.75 53.18 -6.44
N LEU G 18 -20.83 52.13 -7.26
CA LEU G 18 -20.25 52.15 -8.60
C LEU G 18 -20.82 53.31 -9.39
N GLU G 19 -22.14 53.45 -9.37
CA GLU G 19 -22.77 54.55 -10.06
C GLU G 19 -22.32 55.93 -9.53
N LYS G 20 -22.10 56.05 -8.22
CA LYS G 20 -21.64 57.33 -7.67
C LYS G 20 -20.28 57.71 -8.23
N HIS G 21 -19.47 56.71 -8.56
CA HIS G 21 -18.10 56.94 -9.05
C HIS G 21 -18.05 56.99 -10.57
N GLY G 22 -19.24 57.09 -11.20
CA GLY G 22 -19.33 57.34 -12.63
C GLY G 22 -19.51 56.16 -13.58
N PHE G 23 -19.45 54.94 -13.06
CA PHE G 23 -19.57 53.77 -13.91
C PHE G 23 -20.92 53.67 -14.52
N SER G 24 -20.92 53.42 -15.81
CA SER G 24 -22.14 53.46 -16.55
C SER G 24 -22.41 52.05 -17.03
N ASP G 25 -23.66 51.78 -17.40
CA ASP G 25 -24.00 50.56 -18.13
C ASP G 25 -23.81 49.34 -17.25
N ILE G 26 -24.27 49.42 -16.01
CA ILE G 26 -24.12 48.32 -15.09
C ILE G 26 -25.32 47.39 -15.14
N LYS G 27 -25.05 46.09 -15.32
CA LYS G 27 -26.09 45.08 -15.23
C LYS G 27 -25.77 44.03 -14.16
N VAL G 28 -26.82 43.56 -13.50
CA VAL G 28 -26.68 42.59 -12.44
C VAL G 28 -27.46 41.37 -12.83
N GLU G 29 -26.85 40.19 -12.77
CA GLU G 29 -27.70 39.01 -12.94
C GLU G 29 -27.55 38.03 -11.77
N ASP G 30 -28.63 37.31 -11.51
CA ASP G 30 -28.63 36.30 -10.48
C ASP G 30 -27.82 35.13 -11.01
N THR G 31 -27.05 34.51 -10.14
CA THR G 31 -26.40 33.27 -10.52
C THR G 31 -26.60 32.31 -9.39
N ALA G 32 -26.34 31.03 -9.62
CA ALA G 32 -26.31 30.06 -8.53
C ALA G 32 -25.40 30.63 -7.45
N LYS G 33 -25.91 30.65 -6.22
CA LYS G 33 -25.24 31.17 -5.01
C LYS G 33 -24.63 32.57 -5.07
N GLY G 34 -25.14 33.43 -5.95
CA GLY G 34 -24.78 34.82 -5.86
C GLY G 34 -25.32 35.74 -6.94
N HIS G 35 -24.49 36.72 -7.30
CA HIS G 35 -24.81 37.64 -8.38
C HIS G 35 -23.54 37.91 -9.15
N ILE G 36 -23.68 38.27 -10.41
CA ILE G 36 -22.57 38.83 -11.17
C ILE G 36 -22.91 40.27 -11.52
N VAL G 37 -21.97 41.18 -11.31
CA VAL G 37 -22.12 42.58 -11.70
C VAL G 37 -21.28 42.80 -12.94
N LEU G 38 -21.94 43.21 -14.00
CA LEU G 38 -21.29 43.39 -15.30
C LEU G 38 -21.12 44.86 -15.54
N LEU G 39 -19.87 45.28 -15.63
CA LEU G 39 -19.57 46.66 -15.99
C LEU G 39 -19.24 46.65 -17.44
N GLN G 40 -20.25 46.87 -18.26
CA GLN G 40 -20.10 46.69 -19.68
C GLN G 40 -19.17 47.75 -20.26
N GLU G 41 -19.32 49.00 -19.79
CA GLU G 41 -18.49 50.12 -20.25
C GLU G 41 -17.02 49.94 -19.85
N ALA G 42 -16.74 49.03 -18.92
CA ALA G 42 -15.35 48.81 -18.52
C ALA G 42 -14.84 47.38 -18.70
N GLU G 43 -15.56 46.57 -19.49
CA GLU G 43 -15.23 45.15 -19.78
C GLU G 43 -14.85 44.32 -18.52
N THR G 44 -15.64 44.48 -17.47
CA THR G 44 -15.33 43.95 -16.16
C THR G 44 -16.49 43.14 -15.60
N LEU G 45 -16.16 42.04 -14.89
CA LEU G 45 -17.13 41.23 -14.16
C LEU G 45 -16.76 41.18 -12.70
N ILE G 46 -17.75 41.32 -11.82
CA ILE G 46 -17.53 41.11 -10.41
C ILE G 46 -18.49 40.05 -9.90
N GLN G 47 -17.96 38.86 -9.62
CA GLN G 47 -18.77 37.77 -9.08
C GLN G 47 -18.86 37.93 -7.58
N ILE G 48 -20.07 38.04 -7.09
CA ILE G 48 -20.33 38.30 -5.70
C ILE G 48 -21.02 37.10 -5.09
N GLU G 49 -20.29 36.36 -4.26
CA GLU G 49 -20.82 35.16 -3.60
C GLU G 49 -20.59 35.23 -2.11
N GLU G 50 -21.15 34.31 -1.34
CA GLU G 50 -20.90 34.35 0.10
C GLU G 50 -19.41 34.14 0.39
N ASP G 51 -18.82 35.10 1.11
CA ASP G 51 -17.39 35.09 1.45
C ASP G 51 -16.42 35.03 0.26
N SER G 52 -16.83 35.55 -0.89
CA SER G 52 -16.03 35.46 -2.11
C SER G 52 -16.43 36.55 -3.10
N THR G 53 -15.46 37.39 -3.46
CA THR G 53 -15.65 38.42 -4.47
C THR G 53 -14.56 38.18 -5.50
N HIS G 54 -14.95 38.06 -6.75
CA HIS G 54 -13.98 37.80 -7.83
C HIS G 54 -14.11 38.92 -8.86
N ILE G 55 -13.07 39.72 -8.98
CA ILE G 55 -13.01 40.80 -9.95
C ILE G 55 -12.24 40.31 -11.18
N ILE G 56 -12.90 40.31 -12.33
CA ILE G 56 -12.26 39.88 -13.59
C ILE G 56 -12.25 41.07 -14.57
N CYS G 57 -11.06 41.51 -14.96
CA CYS G 57 -10.97 42.60 -15.94
C CYS G 57 -9.71 42.49 -16.77
N ASP G 58 -9.52 43.47 -17.64
CA ASP G 58 -8.36 43.50 -18.49
C ASP G 58 -7.15 43.98 -17.69
N ASN G 59 -5.99 43.91 -18.29
CA ASN G 59 -4.76 44.36 -17.64
C ASN G 59 -4.67 45.89 -17.59
N ASP G 60 -5.46 46.47 -16.71
CA ASP G 60 -5.56 47.89 -16.45
C ASP G 60 -5.48 48.06 -14.93
N GLU G 61 -4.28 48.38 -14.46
CA GLU G 61 -4.05 48.31 -13.04
C GLU G 61 -4.84 49.39 -12.28
N MET G 62 -4.97 50.57 -12.88
CA MET G 62 -5.77 51.65 -12.32
C MET G 62 -7.23 51.21 -12.14
N LEU G 63 -7.79 50.53 -13.14
CA LEU G 63 -9.15 50.03 -13.04
C LEU G 63 -9.28 48.97 -11.93
N ARG G 64 -8.34 48.03 -11.91
CA ARG G 64 -8.32 47.03 -10.84
C ARG G 64 -8.30 47.65 -9.44
N VAL G 65 -7.40 48.60 -9.27
CA VAL G 65 -7.22 49.29 -8.00
C VAL G 65 -8.49 50.03 -7.60
N ARG G 66 -9.10 50.73 -8.55
CA ARG G 66 -10.33 51.44 -8.24
C ARG G 66 -11.43 50.47 -7.80
N LEU G 67 -11.61 49.36 -8.52
CA LEU G 67 -12.62 48.37 -8.12
C LEU G 67 -12.26 47.69 -6.80
N ARG G 68 -10.98 47.38 -6.62
CA ARG G 68 -10.55 46.77 -5.36
C ARG G 68 -10.93 47.67 -4.18
N ASP G 69 -10.61 48.97 -4.32
CA ASP G 69 -10.86 49.93 -3.25
C ASP G 69 -12.36 50.03 -2.95
N LEU G 70 -13.19 50.01 -4.00
CA LEU G 70 -14.63 50.11 -3.84
C LEU G 70 -15.18 48.85 -3.12
N VAL G 71 -14.63 47.70 -3.45
CA VAL G 71 -15.02 46.46 -2.80
C VAL G 71 -14.59 46.47 -1.34
N LEU G 72 -13.33 46.84 -1.08
CA LEU G 72 -12.76 46.84 0.29
C LEU G 72 -13.56 47.65 1.27
N LYS G 73 -14.17 48.74 0.79
CA LYS G 73 -14.95 49.61 1.65
C LYS G 73 -16.11 48.85 2.31
N PHE G 74 -16.57 47.78 1.65
CA PHE G 74 -17.66 46.97 2.20
C PHE G 74 -17.19 45.85 3.14
N LEU G 75 -15.88 45.67 3.36
CA LEU G 75 -15.43 44.49 4.12
C LEU G 75 -14.69 44.94 5.37
N GLN G 76 -14.76 44.13 6.42
CA GLN G 76 -14.00 44.40 7.64
C GLN G 76 -12.58 43.90 7.46
N LYS G 77 -11.64 44.64 8.04
CA LYS G 77 -10.23 44.29 7.96
C LYS G 77 -9.77 43.75 9.29
N PHE G 78 -9.11 42.61 9.28
CA PHE G 78 -8.56 42.03 10.48
C PHE G 78 -7.09 41.68 10.22
N VAL H 7 -1.81 37.23 19.28
CA VAL H 7 -3.00 36.72 18.58
C VAL H 7 -2.99 37.05 17.08
N SER H 8 -2.83 36.03 16.23
CA SER H 8 -2.82 36.23 14.77
C SER H 8 -4.17 36.68 14.22
N SER H 9 -4.18 37.18 12.99
CA SER H 9 -5.43 37.61 12.37
C SER H 9 -6.38 36.42 12.14
N GLU H 10 -5.82 35.28 11.74
CA GLU H 10 -6.59 34.06 11.54
C GLU H 10 -7.29 33.59 12.85
N GLN H 11 -6.56 33.65 13.97
CA GLN H 11 -7.11 33.30 15.31
C GLN H 11 -8.19 34.28 15.78
N ALA H 12 -8.02 35.57 15.49
CA ALA H 12 -9.04 36.56 15.84
C ALA H 12 -10.36 36.25 15.12
N LEU H 13 -10.29 36.02 13.81
CA LEU H 13 -11.51 35.67 13.06
C LEU H 13 -12.15 34.39 13.56
N LYS H 14 -11.31 33.39 13.80
CA LYS H 14 -11.82 32.13 14.35
C LYS H 14 -12.55 32.37 15.68
N GLU H 15 -11.96 33.14 16.58
CA GLU H 15 -12.57 33.33 17.91
C GLU H 15 -13.88 34.15 17.81
N LEU H 16 -13.89 35.12 16.89
CA LEU H 16 -15.13 35.86 16.59
C LEU H 16 -16.20 34.97 15.98
N GLY H 17 -15.78 33.94 15.26
CA GLY H 17 -16.71 33.08 14.55
C GLY H 17 -17.05 33.64 13.18
N LEU H 18 -16.19 34.49 12.62
CA LEU H 18 -16.46 35.06 11.30
C LEU H 18 -15.63 34.33 10.22
N ALA H 19 -16.23 34.12 9.05
CA ALA H 19 -15.51 33.46 7.96
C ALA H 19 -14.58 34.45 7.24
N GLU H 20 -13.43 33.96 6.80
CA GLU H 20 -12.56 34.83 6.06
C GLU H 20 -13.16 35.04 4.66
N HIS H 21 -13.09 36.27 4.14
CA HIS H 21 -13.64 36.61 2.83
C HIS H 21 -12.51 36.50 1.79
N GLN H 22 -12.69 35.73 0.72
CA GLN H 22 -11.66 35.70 -0.33
C GLN H 22 -11.92 36.81 -1.37
N LEU H 23 -11.01 37.76 -1.49
CA LEU H 23 -11.11 38.69 -2.60
C LEU H 23 -10.13 38.28 -3.69
N ARG H 24 -10.67 37.86 -4.83
CA ARG H 24 -9.85 37.31 -5.92
C ARG H 24 -9.87 38.25 -7.11
N PHE H 25 -8.72 38.38 -7.77
CA PHE H 25 -8.59 39.11 -9.03
C PHE H 25 -8.20 38.13 -10.13
N THR H 26 -8.81 38.27 -11.29
CA THR H 26 -8.27 37.66 -12.49
C THR H 26 -8.07 38.80 -13.50
N CYS H 27 -6.87 38.91 -13.98
CA CYS H 27 -6.60 39.93 -14.97
C CYS H 27 -6.23 39.26 -16.31
N ARG H 28 -6.77 39.77 -17.42
CA ARG H 28 -6.51 39.19 -18.74
C ARG H 28 -5.36 39.92 -19.42
N VAL H 29 -4.22 39.26 -19.50
CA VAL H 29 -3.06 39.80 -20.16
C VAL H 29 -3.13 39.44 -21.66
N HIS H 30 -3.02 40.45 -22.52
CA HIS H 30 -3.10 40.19 -23.95
C HIS H 30 -1.69 40.19 -24.56
N LEU H 31 -1.27 39.03 -25.05
CA LEU H 31 -0.01 38.90 -25.76
C LEU H 31 -0.25 39.11 -27.26
N HIS H 32 0.67 39.82 -27.89
CA HIS H 32 0.62 40.02 -29.32
C HIS H 32 1.95 39.57 -29.89
N ASP H 33 1.99 38.33 -30.37
CA ASP H 33 3.14 37.84 -31.10
C ASP H 33 2.68 36.69 -31.98
N THR H 34 3.56 36.18 -32.82
CA THR H 34 3.16 35.15 -33.80
C THR H 34 3.46 33.71 -33.36
N ARG H 35 3.97 33.57 -32.13
CA ARG H 35 4.22 32.25 -31.60
C ARG H 35 2.88 31.52 -31.44
N LYS H 36 2.92 30.20 -31.57
CA LYS H 36 1.72 29.39 -31.53
C LYS H 36 1.10 29.29 -30.13
N GLU H 37 -0.23 29.34 -30.09
CA GLU H 37 -1.02 29.23 -28.86
C GLU H 37 -0.55 28.10 -27.95
N GLN H 38 -0.11 27.00 -28.56
CA GLN H 38 0.27 25.81 -27.79
C GLN H 38 1.43 26.10 -26.84
N GLU H 39 2.28 27.05 -27.21
CA GLU H 39 3.54 27.28 -26.50
C GLU H 39 3.47 28.35 -25.40
N THR H 40 2.30 28.96 -25.24
CA THR H 40 2.17 30.11 -24.35
C THR H 40 2.62 29.77 -22.92
N ALA H 41 2.07 28.70 -22.35
CA ALA H 41 2.31 28.43 -20.91
C ALA H 41 3.78 28.16 -20.68
N LEU H 42 4.38 27.36 -21.56
CA LEU H 42 5.79 27.07 -21.51
C LEU H 42 6.64 28.35 -21.62
N ARG H 43 6.29 29.25 -22.52
CA ARG H 43 7.01 30.51 -22.63
C ARG H 43 6.88 31.33 -21.32
N VAL H 44 5.68 31.37 -20.77
CA VAL H 44 5.45 32.15 -19.57
C VAL H 44 6.26 31.53 -18.41
N TYR H 45 6.10 30.22 -18.21
CA TYR H 45 6.87 29.54 -17.17
C TYR H 45 8.34 29.85 -17.28
N SER H 46 8.90 29.72 -18.48
CA SER H 46 10.34 29.83 -18.59
C SER H 46 10.80 31.28 -18.38
N HIS H 47 10.06 32.26 -18.89
CA HIS H 47 10.39 33.67 -18.64
C HIS H 47 10.29 34.07 -17.14
N LEU H 48 9.21 33.67 -16.46
CA LEU H 48 9.03 34.08 -15.06
C LEU H 48 10.00 33.32 -14.12
N LYS H 49 10.33 32.09 -14.47
CA LYS H 49 11.30 31.32 -13.70
C LYS H 49 12.68 32.00 -13.84
N SER H 50 12.99 32.48 -15.03
CA SER H 50 14.23 33.21 -15.25
C SER H 50 14.29 34.49 -14.41
N VAL H 51 13.22 35.29 -14.48
CA VAL H 51 13.27 36.62 -13.88
C VAL H 51 13.04 36.64 -12.35
N LEU H 52 12.03 35.89 -11.90
CA LEU H 52 11.68 35.86 -10.49
C LEU H 52 12.58 34.95 -9.66
N LYS H 53 13.81 35.42 -9.43
CA LYS H 53 14.82 34.66 -8.71
C LYS H 53 14.27 34.22 -7.36
N ASP H 54 14.61 32.98 -6.98
CA ASP H 54 14.29 32.43 -5.66
C ASP H 54 12.79 32.40 -5.36
N HIS H 55 11.95 32.50 -6.38
CA HIS H 55 10.51 32.34 -6.17
C HIS H 55 10.19 30.90 -6.54
N CYS H 56 9.21 30.32 -5.86
CA CYS H 56 8.63 29.04 -6.28
C CYS H 56 7.86 29.29 -7.58
N VAL H 57 8.32 28.71 -8.68
CA VAL H 57 7.67 28.85 -9.98
C VAL H 57 7.45 27.44 -10.55
N GLN H 58 6.21 27.12 -10.94
CA GLN H 58 5.84 25.76 -11.32
C GLN H 58 5.11 25.76 -12.65
N HIS H 59 5.27 24.66 -13.36
CA HIS H 59 4.49 24.30 -14.53
C HIS H 59 3.72 23.01 -14.15
N LEU H 60 2.44 23.16 -13.91
CA LEU H 60 1.56 22.11 -13.39
C LEU H 60 1.13 21.12 -14.50
N PRO H 61 0.68 19.89 -14.11
CA PRO H 61 0.39 18.85 -15.11
C PRO H 61 -0.75 19.20 -16.05
N ASP H 62 -1.58 20.15 -15.67
CA ASP H 62 -2.68 20.58 -16.55
C ASP H 62 -2.23 21.75 -17.43
N GLY H 63 -0.94 22.08 -17.40
CA GLY H 63 -0.44 23.18 -18.22
C GLY H 63 -0.42 24.59 -17.60
N SER H 64 -1.03 24.80 -16.44
CA SER H 64 -0.99 26.17 -15.92
C SER H 64 0.34 26.43 -15.24
N VAL H 65 0.58 27.69 -14.94
CA VAL H 65 1.85 28.12 -14.37
C VAL H 65 1.60 28.84 -13.07
N THR H 66 2.46 28.64 -12.07
CA THR H 66 2.26 29.40 -10.85
C THR H 66 3.53 30.10 -10.45
N VAL H 67 3.39 31.26 -9.80
CA VAL H 67 4.51 31.94 -9.16
C VAL H 67 4.06 32.20 -7.75
N GLU H 68 4.73 31.58 -6.77
CA GLU H 68 4.17 31.42 -5.44
C GLU H 68 2.68 31.01 -5.57
N SER H 69 1.77 31.79 -5.02
CA SER H 69 0.36 31.42 -5.06
C SER H 69 -0.42 32.22 -6.13
N VAL H 70 0.28 32.84 -7.06
CA VAL H 70 -0.35 33.50 -8.20
C VAL H 70 -0.55 32.46 -9.32
N LEU H 71 -1.75 32.34 -9.89
CA LEU H 71 -2.07 31.34 -10.89
C LEU H 71 -2.11 31.94 -12.29
N LEU H 72 -1.40 31.32 -13.24
CA LEU H 72 -1.45 31.83 -14.62
C LEU H 72 -1.88 30.75 -15.62
N GLN H 73 -2.86 31.08 -16.44
CA GLN H 73 -3.48 30.10 -17.32
C GLN H 73 -3.71 30.68 -18.69
N ALA H 74 -3.27 29.97 -19.73
CA ALA H 74 -3.56 30.39 -21.10
C ALA H 74 -5.05 30.25 -21.36
N ALA H 75 -5.71 31.33 -21.76
CA ALA H 75 -7.15 31.32 -22.07
C ALA H 75 -7.45 30.68 -23.43
N ALA H 76 -8.74 30.39 -23.65
CA ALA H 76 -9.20 29.88 -24.95
C ALA H 76 -9.00 30.96 -26.01
N PRO H 77 -8.84 30.56 -27.30
CA PRO H 77 -8.66 31.46 -28.45
C PRO H 77 -9.63 32.63 -28.47
N SER H 78 -9.11 33.84 -28.63
CA SER H 78 -9.98 35.00 -28.76
C SER H 78 -10.41 35.14 -30.23
N GLU H 79 -11.38 36.02 -30.48
CA GLU H 79 -11.85 36.22 -31.84
C GLU H 79 -11.11 37.36 -32.53
N ASP H 80 -9.99 37.72 -31.91
CA ASP H 80 -8.93 38.48 -32.55
C ASP H 80 -7.77 37.52 -32.77
N PRO H 81 -7.51 37.14 -34.03
CA PRO H 81 -6.41 36.25 -34.40
C PRO H 81 -5.04 36.77 -33.92
N GLY H 82 -4.90 38.08 -33.79
CA GLY H 82 -3.64 38.69 -33.38
C GLY H 82 -3.32 38.67 -31.90
N THR H 83 -4.20 38.07 -31.09
CA THR H 83 -4.07 38.20 -29.66
C THR H 83 -4.21 36.84 -28.95
N LYS H 84 -3.39 36.65 -27.93
CA LYS H 84 -3.43 35.47 -27.09
C LYS H 84 -3.60 35.93 -25.65
N VAL H 85 -4.63 35.43 -24.99
CA VAL H 85 -4.94 35.87 -23.62
C VAL H 85 -4.31 34.97 -22.60
N LEU H 86 -3.63 35.59 -21.66
CA LEU H 86 -3.13 34.92 -20.48
C LEU H 86 -3.93 35.40 -19.24
N LEU H 87 -4.60 34.48 -18.55
CA LEU H 87 -5.31 34.82 -17.30
C LEU H 87 -4.34 34.75 -16.12
N VAL H 88 -4.26 35.83 -15.34
CA VAL H 88 -3.37 35.89 -14.19
C VAL H 88 -4.25 36.16 -12.99
N SER H 89 -4.15 35.32 -11.95
CA SER H 89 -5.13 35.41 -10.86
C SER H 89 -4.44 35.33 -9.52
N TRP H 90 -4.95 36.10 -8.58
CA TRP H 90 -4.39 36.08 -7.25
C TRP H 90 -5.44 36.51 -6.25
N THR H 91 -5.22 36.19 -4.98
CA THR H 91 -6.06 36.79 -3.94
C THR H 91 -5.45 38.08 -3.41
N TYR H 92 -6.23 38.80 -2.62
CA TYR H 92 -5.81 40.10 -2.12
C TYR H 92 -4.50 40.00 -1.34
N GLN H 93 -4.31 38.90 -0.62
CA GLN H 93 -3.11 38.78 0.21
C GLN H 93 -1.85 38.72 -0.67
N ASP H 94 -2.00 38.31 -1.93
CA ASP H 94 -0.87 38.22 -2.86
C ASP H 94 -0.90 39.34 -3.90
N GLU H 95 -1.58 40.43 -3.58
CA GLU H 95 -1.81 41.50 -4.57
C GLU H 95 -0.54 42.20 -5.07
N GLU H 96 0.44 42.32 -4.19
CA GLU H 96 1.67 43.02 -4.55
C GLU H 96 2.44 42.23 -5.65
N LEU H 97 2.67 40.95 -5.41
CA LEU H 97 3.25 40.07 -6.42
C LEU H 97 2.37 39.95 -7.66
N GLY H 98 1.06 39.86 -7.45
CA GLY H 98 0.15 39.66 -8.56
C GLY H 98 0.22 40.83 -9.52
N SER H 99 0.09 42.06 -9.01
CA SER H 99 0.08 43.18 -9.92
C SER H 99 1.47 43.39 -10.49
N PHE H 100 2.50 43.01 -9.75
CA PHE H 100 3.85 43.09 -10.29
C PHE H 100 3.96 42.23 -11.55
N LEU H 101 3.51 40.98 -11.44
CA LEU H 101 3.57 40.04 -12.56
C LEU H 101 2.79 40.55 -13.76
N THR H 102 1.64 41.14 -13.53
CA THR H 102 0.86 41.56 -14.68
C THR H 102 1.47 42.79 -15.32
N SER H 103 2.16 43.63 -14.54
CA SER H 103 2.78 44.81 -15.17
C SER H 103 3.98 44.35 -15.93
N LEU H 104 4.60 43.31 -15.42
CA LEU H 104 5.76 42.75 -16.09
C LEU H 104 5.40 42.12 -17.45
N LEU H 105 4.32 41.35 -17.46
CA LEU H 105 3.87 40.59 -18.63
C LEU H 105 3.26 41.49 -19.70
N LYS H 106 2.75 42.65 -19.29
CA LYS H 106 2.21 43.60 -20.25
C LYS H 106 3.30 44.08 -21.23
N LYS H 107 4.58 44.01 -20.85
CA LYS H 107 5.65 44.26 -21.79
C LYS H 107 5.79 43.12 -22.81
N GLY H 108 5.04 42.04 -22.62
CA GLY H 108 5.14 40.92 -23.54
C GLY H 108 6.17 39.90 -23.11
N LEU H 109 6.25 38.81 -23.87
CA LEU H 109 7.20 37.72 -23.61
C LEU H 109 8.37 37.87 -24.55
N PRO H 110 9.50 37.21 -24.21
CA PRO H 110 10.62 37.10 -25.15
C PRO H 110 10.15 36.59 -26.49
N GLN H 111 10.74 37.10 -27.56
CA GLN H 111 10.30 36.76 -28.91
C GLN H 111 11.48 36.87 -29.86
#